data_8EBM
#
_entry.id   8EBM
#
_cell.length_a   44.761
_cell.length_b   88.634
_cell.length_c   89.082
_cell.angle_alpha   90.000
_cell.angle_beta   104.570
_cell.angle_gamma   90.000
#
_symmetry.space_group_name_H-M   'P 1 21 1'
#
loop_
_entity.id
_entity.type
_entity.pdbx_description
1 polymer 'Kelch domain-containing protein 2'
2 polymer ASN-GLN-ARG-PHE-GLY-SER-ASN-ASN-THR-SER-GLY-SER
3 water water
#
loop_
_entity_poly.entity_id
_entity_poly.type
_entity_poly.pdbx_seq_one_letter_code
_entity_poly.pdbx_strand_id
1 'polypeptide(L)'
;GSGPAFESYESMELACPAERSGHVAVSDGRHMFVWGGYKSNQVRGLYDFYLPREELWIYNMETGRWKKINTEGDVPPSMS
GSCAVCVDRVLYLFGGHHSRGNTNKFYMLDSRSTDRVLQWERIDCQGIPPSSKDKLGVWVYKNKLIFFGGYGYLPEDKVL
GTFEFDETSFWNSSHPRGWNDHVHILDTETFTWSQPITTGKAPSPRAAHACATVGNRGFVFGGRYRDARMNDLHYLNLDT
WEWNELIPQGICPVGRSWHSLTPVSSDHLFLFGGFTTDKQPLSDAWTYCISKNEWIQFNHPYTEKPRLWHTACASDEGEV
IVFGGCANNLLVHHRAAHSNEILIFSVQP
;
A,B
2 'polypeptide(L)' NQRFGSNNTSGS C,D
#
# COMPACT_ATOMS: atom_id res chain seq x y z
N ALA A 15 -16.19 7.12 21.49
CA ALA A 15 -15.92 6.44 20.23
C ALA A 15 -15.82 4.93 20.45
N CYS A 16 -16.22 4.18 19.43
CA CYS A 16 -16.13 2.73 19.41
C CYS A 16 -15.64 2.28 18.04
N PRO A 17 -14.74 1.30 17.98
CA PRO A 17 -14.21 0.88 16.68
C PRO A 17 -15.27 0.17 15.86
N ALA A 18 -15.11 0.25 14.54
CA ALA A 18 -15.99 -0.48 13.65
C ALA A 18 -15.78 -1.99 13.80
N GLU A 19 -16.83 -2.74 13.44
CA GLU A 19 -16.79 -4.19 13.59
C GLU A 19 -15.80 -4.80 12.60
N ARG A 20 -15.31 -6.00 12.95
CA ARG A 20 -14.24 -6.60 12.16
C ARG A 20 -13.89 -8.01 12.61
N SER A 21 -13.32 -8.81 11.70
CA SER A 21 -12.66 -10.07 12.04
C SER A 21 -11.28 -10.07 11.42
N GLY A 22 -10.42 -10.95 11.94
CA GLY A 22 -9.10 -11.08 11.38
C GLY A 22 -8.15 -9.92 11.65
N HIS A 23 -8.54 -8.99 12.53
CA HIS A 23 -7.67 -7.96 13.07
C HIS A 23 -6.64 -8.56 14.02
N VAL A 24 -5.72 -7.72 14.50
CA VAL A 24 -4.82 -8.11 15.57
C VAL A 24 -5.19 -7.31 16.81
N ALA A 25 -4.92 -7.92 17.96
CA ALA A 25 -5.06 -7.23 19.23
C ALA A 25 -3.94 -7.73 20.11
N VAL A 26 -3.17 -6.79 20.63
CA VAL A 26 -2.09 -7.12 21.54
C VAL A 26 -2.23 -6.19 22.75
N SER A 27 -1.58 -6.59 23.84
CA SER A 27 -1.82 -5.90 25.11
C SER A 27 -0.57 -5.96 25.97
N ASP A 28 -0.47 -5.01 26.89
CA ASP A 28 0.53 -5.03 27.95
C ASP A 28 -0.07 -5.41 29.29
N GLY A 29 -1.32 -5.87 29.29
CA GLY A 29 -2.04 -6.20 30.50
C GLY A 29 -2.93 -5.09 31.00
N ARG A 30 -2.79 -3.88 30.48
CA ARG A 30 -3.66 -2.76 30.82
C ARG A 30 -4.23 -2.03 29.61
N HIS A 31 -3.45 -1.90 28.55
CA HIS A 31 -3.90 -1.24 27.33
C HIS A 31 -3.87 -2.25 26.20
N MET A 32 -5.00 -2.37 25.48
CA MET A 32 -5.15 -3.31 24.36
C MET A 32 -5.11 -2.52 23.06
N PHE A 33 -4.17 -2.87 22.17
CA PHE A 33 -4.01 -2.19 20.89
C PHE A 33 -4.59 -3.05 19.78
N VAL A 34 -5.48 -2.45 18.98
CA VAL A 34 -6.22 -3.17 17.95
C VAL A 34 -5.89 -2.54 16.60
N TRP A 35 -5.53 -3.38 15.62
CA TRP A 35 -5.20 -2.90 14.29
C TRP A 35 -5.75 -3.82 13.22
N GLY A 36 -6.20 -3.23 12.11
CA GLY A 36 -6.44 -4.00 10.89
C GLY A 36 -7.76 -4.76 10.86
N GLY A 37 -7.76 -5.85 10.09
CA GLY A 37 -8.97 -6.63 9.92
C GLY A 37 -9.79 -6.18 8.75
N TYR A 38 -10.95 -6.80 8.59
CA TYR A 38 -11.85 -6.54 7.49
C TYR A 38 -13.28 -6.70 7.96
N LYS A 39 -14.20 -6.20 7.14
CA LYS A 39 -15.63 -6.25 7.44
C LYS A 39 -16.38 -6.30 6.11
N SER A 40 -17.70 -6.35 6.20
CA SER A 40 -18.55 -6.31 5.02
C SER A 40 -19.30 -4.99 4.97
N ASN A 41 -19.55 -4.52 3.75
CA ASN A 41 -20.19 -3.23 3.52
C ASN A 41 -21.66 -3.28 3.93
N PHE A 49 -13.48 -5.32 2.20
CA PHE A 49 -13.40 -4.06 2.92
C PHE A 49 -12.46 -4.17 4.11
N TYR A 50 -11.19 -3.89 3.87
CA TYR A 50 -10.24 -3.84 4.96
C TYR A 50 -10.37 -2.50 5.67
N LEU A 51 -10.16 -2.51 6.98
CA LEU A 51 -10.27 -1.31 7.79
C LEU A 51 -9.05 -0.42 7.60
N PRO A 52 -9.16 0.87 7.95
CA PRO A 52 -8.10 1.83 7.59
C PRO A 52 -6.77 1.48 8.25
N ARG A 53 -5.72 1.46 7.43
CA ARG A 53 -4.39 1.05 7.87
C ARG A 53 -3.80 2.01 8.88
N GLU A 54 -4.14 3.29 8.82
CA GLU A 54 -3.49 4.24 9.69
C GLU A 54 -4.06 4.25 11.10
N GLU A 55 -5.24 3.65 11.33
CA GLU A 55 -5.89 3.70 12.62
C GLU A 55 -5.33 2.65 13.57
N LEU A 56 -5.00 3.07 14.79
CA LEU A 56 -4.71 2.17 15.90
C LEU A 56 -5.72 2.46 16.99
N TRP A 57 -6.50 1.46 17.37
CA TRP A 57 -7.48 1.59 18.43
C TRP A 57 -6.88 1.06 19.72
N ILE A 58 -7.02 1.84 20.79
CA ILE A 58 -6.54 1.48 22.12
C ILE A 58 -7.73 1.37 23.05
N TYR A 59 -7.83 0.23 23.73
CA TYR A 59 -8.85 -0.05 24.72
C TYR A 59 -8.19 -0.08 26.09
N ASN A 60 -8.62 0.79 26.99
CA ASN A 60 -8.18 0.72 28.37
C ASN A 60 -8.97 -0.37 29.07
N MET A 61 -8.27 -1.42 29.54
CA MET A 61 -8.93 -2.54 30.18
C MET A 61 -9.46 -2.21 31.56
N GLU A 62 -8.90 -1.18 32.21
CA GLU A 62 -9.37 -0.80 33.54
C GLU A 62 -10.64 0.04 33.47
N THR A 63 -10.74 0.92 32.46
CA THR A 63 -11.86 1.85 32.34
C THR A 63 -12.87 1.46 31.26
N GLY A 64 -12.50 0.62 30.30
CA GLY A 64 -13.45 0.18 29.30
C GLY A 64 -13.75 1.19 28.21
N ARG A 65 -12.88 2.16 27.99
CA ARG A 65 -13.10 3.18 26.97
C ARG A 65 -12.05 3.06 25.87
N TRP A 66 -12.43 3.51 24.68
CA TRP A 66 -11.60 3.43 23.49
C TRP A 66 -10.98 4.78 23.15
N LYS A 67 -9.91 4.72 22.36
CA LYS A 67 -9.24 5.92 21.86
C LYS A 67 -8.60 5.58 20.52
N LYS A 68 -8.91 6.35 19.49
CA LYS A 68 -8.33 6.13 18.18
C LYS A 68 -7.10 7.01 18.01
N ILE A 69 -6.00 6.41 17.53
CA ILE A 69 -4.77 7.10 17.21
C ILE A 69 -4.50 6.92 15.74
N ASN A 70 -4.13 8.00 15.05
CA ASN A 70 -3.68 7.92 13.67
C ASN A 70 -2.16 7.77 13.68
N THR A 71 -1.66 6.72 13.06
CA THR A 71 -0.22 6.47 13.03
C THR A 71 0.40 7.02 11.75
N GLU A 72 1.73 7.09 11.73
CA GLU A 72 2.49 7.53 10.56
C GLU A 72 3.68 6.58 10.39
N GLY A 73 4.60 6.98 9.52
CA GLY A 73 5.77 6.19 9.19
C GLY A 73 5.49 5.15 8.12
N ASP A 74 6.11 3.98 8.23
CA ASP A 74 5.91 2.89 7.28
C ASP A 74 4.66 2.11 7.68
N VAL A 75 3.51 2.77 7.51
CA VAL A 75 2.25 2.12 7.90
C VAL A 75 2.07 0.87 7.06
N PRO A 76 1.77 -0.28 7.66
CA PRO A 76 1.56 -1.49 6.85
C PRO A 76 0.29 -1.38 6.02
N PRO A 77 0.21 -2.10 4.90
CA PRO A 77 -1.07 -2.21 4.20
C PRO A 77 -2.14 -2.76 5.13
N SER A 78 -3.40 -2.38 4.89
CA SER A 78 -4.50 -2.98 5.62
C SER A 78 -4.56 -4.47 5.33
N MET A 79 -4.62 -5.28 6.40
CA MET A 79 -4.55 -6.74 6.25
C MET A 79 -5.46 -7.43 7.26
N SER A 80 -5.89 -8.63 6.90
CA SER A 80 -6.40 -9.59 7.86
C SER A 80 -5.41 -10.72 8.03
N GLY A 81 -5.50 -11.41 9.16
CA GLY A 81 -4.65 -12.59 9.37
C GLY A 81 -3.21 -12.31 9.74
N SER A 82 -2.88 -11.06 10.08
CA SER A 82 -1.52 -10.77 10.52
C SER A 82 -1.26 -11.36 11.90
N CYS A 83 0.02 -11.43 12.24
CA CYS A 83 0.47 -12.07 13.46
C CYS A 83 1.24 -11.02 14.25
N ALA A 84 0.73 -10.63 15.42
CA ALA A 84 1.33 -9.54 16.19
C ALA A 84 1.58 -9.92 17.64
N VAL A 85 2.56 -9.24 18.25
CA VAL A 85 2.87 -9.37 19.67
C VAL A 85 3.18 -8.00 20.26
N CYS A 86 3.07 -7.92 21.59
CA CYS A 86 3.48 -6.73 22.32
C CYS A 86 4.56 -7.15 23.29
N VAL A 87 5.77 -6.63 23.11
CA VAL A 87 6.89 -6.92 24.01
C VAL A 87 7.42 -5.60 24.57
N ASP A 88 7.29 -5.41 25.88
CA ASP A 88 7.76 -4.20 26.55
C ASP A 88 7.20 -2.96 25.84
N ARG A 89 5.90 -3.03 25.55
CA ARG A 89 5.13 -1.97 24.91
C ARG A 89 5.60 -1.65 23.49
N VAL A 90 6.44 -2.50 22.89
CA VAL A 90 6.74 -2.41 21.47
C VAL A 90 5.91 -3.46 20.74
N LEU A 91 5.17 -3.02 19.74
CA LEU A 91 4.36 -3.92 18.93
C LEU A 91 5.20 -4.40 17.76
N TYR A 92 5.13 -5.71 17.48
CA TYR A 92 5.75 -6.31 16.31
C TYR A 92 4.67 -6.97 15.48
N LEU A 93 4.72 -6.77 14.15
CA LEU A 93 3.70 -7.31 13.25
C LEU A 93 4.36 -8.06 12.12
N PHE A 94 3.90 -9.30 11.87
CA PHE A 94 4.46 -10.13 10.81
C PHE A 94 3.36 -10.68 9.92
N GLY A 95 3.57 -10.59 8.61
CA GLY A 95 2.71 -11.37 7.71
C GLY A 95 1.31 -10.80 7.62
N GLY A 96 0.41 -11.57 7.01
CA GLY A 96 -0.95 -11.13 6.79
C GLY A 96 -1.35 -11.22 5.33
N HIS A 97 -2.57 -10.78 5.07
CA HIS A 97 -3.17 -10.85 3.75
C HIS A 97 -3.81 -9.52 3.42
N HIS A 98 -3.34 -8.86 2.37
CA HIS A 98 -3.95 -7.64 1.89
C HIS A 98 -4.63 -7.92 0.54
N SER A 99 -5.13 -6.86 -0.09
CA SER A 99 -5.89 -7.04 -1.34
C SER A 99 -5.08 -7.73 -2.43
N ARG A 100 -3.75 -7.68 -2.35
CA ARG A 100 -2.88 -8.33 -3.33
C ARG A 100 -2.22 -9.59 -2.79
N GLY A 101 -2.76 -10.18 -1.73
CA GLY A 101 -2.33 -11.49 -1.28
C GLY A 101 -1.47 -11.46 -0.04
N ASN A 102 -0.74 -12.56 0.18
CA ASN A 102 0.01 -12.72 1.42
C ASN A 102 1.33 -11.98 1.37
N THR A 103 1.89 -11.75 2.57
CA THR A 103 3.13 -11.01 2.74
C THR A 103 3.96 -11.67 3.84
N ASN A 104 5.25 -11.36 3.86
CA ASN A 104 6.17 -11.80 4.91
C ASN A 104 6.96 -10.61 5.44
N LYS A 105 6.43 -9.40 5.28
CA LYS A 105 7.06 -8.21 5.83
C LYS A 105 6.85 -8.14 7.34
N PHE A 106 7.81 -7.49 8.01
CA PHE A 106 7.87 -7.41 9.47
C PHE A 106 7.97 -5.94 9.89
N TYR A 107 7.10 -5.52 10.79
CA TYR A 107 7.02 -4.13 11.24
C TYR A 107 7.12 -4.05 12.75
N MET A 108 7.50 -2.86 13.21
CA MET A 108 7.62 -2.52 14.62
C MET A 108 6.95 -1.18 14.86
N LEU A 109 6.22 -1.07 15.95
CA LEU A 109 5.58 0.19 16.33
C LEU A 109 5.80 0.40 17.82
N ASP A 110 6.63 1.39 18.17
CA ASP A 110 6.92 1.69 19.56
C ASP A 110 5.77 2.50 20.14
N SER A 111 5.05 1.92 21.09
CA SER A 111 3.92 2.58 21.74
C SER A 111 4.28 3.18 23.09
N ARG A 112 5.56 3.12 23.49
CA ARG A 112 5.97 3.55 24.82
C ARG A 112 5.82 5.06 24.98
N ARG A 116 3.59 11.76 21.64
CA ARG A 116 4.01 11.98 20.25
C ARG A 116 3.27 11.04 19.30
N VAL A 117 3.32 11.36 18.01
CA VAL A 117 2.61 10.56 17.01
C VAL A 117 3.35 9.24 16.79
N LEU A 118 2.63 8.13 16.94
CA LEU A 118 3.27 6.82 16.80
C LEU A 118 3.65 6.56 15.36
N GLN A 119 4.85 6.00 15.17
CA GLN A 119 5.42 5.82 13.84
C GLN A 119 5.74 4.34 13.61
N TRP A 120 5.18 3.79 12.54
CA TRP A 120 5.54 2.43 12.15
C TRP A 120 6.93 2.39 11.54
N GLU A 121 7.66 1.30 11.81
CA GLU A 121 8.95 1.05 11.18
C GLU A 121 8.91 -0.30 10.50
N ARG A 122 9.14 -0.34 9.20
CA ARG A 122 9.33 -1.61 8.50
C ARG A 122 10.79 -2.01 8.64
N ILE A 123 11.04 -3.21 9.18
CA ILE A 123 12.38 -3.64 9.51
C ILE A 123 12.96 -4.42 8.34
N ASP A 124 14.20 -4.11 7.97
CA ASP A 124 14.97 -4.88 6.99
C ASP A 124 15.69 -5.98 7.75
N CYS A 125 15.06 -7.15 7.83
CA CYS A 125 15.62 -8.25 8.59
C CYS A 125 16.70 -8.95 7.78
N GLN A 126 17.73 -9.42 8.48
CA GLN A 126 18.74 -10.29 7.88
C GLN A 126 18.25 -11.75 7.94
N GLY A 127 18.93 -12.61 7.16
CA GLY A 127 18.55 -14.01 7.09
C GLY A 127 17.39 -14.24 6.13
N ILE A 128 16.98 -15.50 6.04
CA ILE A 128 15.93 -15.92 5.12
C ILE A 128 14.60 -15.84 5.85
N PRO A 129 13.68 -14.97 5.44
CA PRO A 129 12.41 -14.82 6.15
C PRO A 129 11.51 -16.02 5.92
N PRO A 130 10.43 -16.15 6.68
CA PRO A 130 9.43 -17.17 6.36
C PRO A 130 8.75 -16.86 5.03
N SER A 131 8.08 -17.88 4.51
CA SER A 131 7.28 -17.66 3.32
C SER A 131 6.11 -16.72 3.63
N SER A 132 5.60 -16.06 2.60
CA SER A 132 4.46 -15.17 2.78
C SER A 132 3.22 -15.95 3.21
N LYS A 133 2.54 -15.44 4.24
CA LYS A 133 1.76 -16.27 5.17
C LYS A 133 0.73 -15.41 5.87
N ASP A 134 -0.38 -16.03 6.26
CA ASP A 134 -1.26 -15.46 7.25
C ASP A 134 -1.78 -16.56 8.16
N LYS A 135 -2.62 -16.19 9.11
CA LYS A 135 -3.32 -17.13 10.00
C LYS A 135 -2.34 -18.14 10.63
N LEU A 136 -1.34 -17.57 11.30
CA LEU A 136 -0.27 -18.33 11.94
C LEU A 136 -0.28 -18.05 13.45
N GLY A 137 0.82 -18.37 14.15
CA GLY A 137 0.88 -17.96 15.54
C GLY A 137 2.30 -17.70 15.95
N VAL A 138 2.46 -17.17 17.17
CA VAL A 138 3.79 -16.78 17.61
C VAL A 138 3.95 -17.02 19.11
N TRP A 139 5.18 -17.35 19.50
CA TRP A 139 5.62 -17.45 20.88
C TRP A 139 6.70 -16.40 21.12
N VAL A 140 6.71 -15.84 22.32
CA VAL A 140 7.70 -14.84 22.75
C VAL A 140 8.53 -15.49 23.85
N TYR A 141 9.85 -15.55 23.65
CA TYR A 141 10.72 -16.16 24.66
C TYR A 141 12.04 -15.41 24.67
N LYS A 142 12.28 -14.67 25.76
CA LYS A 142 13.41 -13.76 25.90
C LYS A 142 13.55 -12.88 24.67
N ASN A 143 14.66 -12.96 23.97
CA ASN A 143 14.89 -12.05 22.86
C ASN A 143 14.33 -12.56 21.54
N LYS A 144 13.58 -13.66 21.56
CA LYS A 144 13.19 -14.35 20.34
C LYS A 144 11.68 -14.24 20.11
N LEU A 145 11.30 -13.94 18.86
CA LEU A 145 9.95 -14.16 18.39
C LEU A 145 9.97 -15.43 17.55
N ILE A 146 9.12 -16.39 17.88
CA ILE A 146 9.13 -17.69 17.24
C ILE A 146 7.78 -17.90 16.57
N PHE A 147 7.81 -18.02 15.25
CA PHE A 147 6.58 -18.12 14.47
C PHE A 147 6.35 -19.55 14.01
N PHE A 148 5.09 -19.98 14.02
CA PHE A 148 4.77 -21.36 13.65
C PHE A 148 3.58 -21.39 12.70
N GLY A 149 3.74 -22.11 11.60
CA GLY A 149 2.59 -22.52 10.79
C GLY A 149 2.08 -21.42 9.88
N GLY A 150 0.86 -21.59 9.38
CA GLY A 150 0.18 -20.59 8.57
C GLY A 150 -0.19 -21.10 7.19
N TYR A 151 -0.74 -20.16 6.39
CA TYR A 151 -1.31 -20.43 5.08
C TYR A 151 -0.76 -19.40 4.11
N GLY A 152 -0.22 -19.85 2.99
CA GLY A 152 0.30 -18.90 2.01
C GLY A 152 0.98 -19.61 0.88
N TYR A 153 1.83 -18.87 0.17
CA TYR A 153 2.41 -19.38 -1.07
C TYR A 153 3.49 -20.41 -0.80
N LEU A 154 3.84 -21.12 -1.85
CA LEU A 154 4.90 -22.12 -1.78
C LEU A 154 6.19 -21.47 -1.31
N PRO A 155 6.88 -22.06 -0.35
CA PRO A 155 8.20 -21.56 0.07
C PRO A 155 9.30 -21.94 -0.93
N GLU A 156 10.54 -21.72 -0.53
CA GLU A 156 11.69 -22.24 -1.26
C GLU A 156 12.22 -23.50 -0.58
N ASP A 157 12.92 -24.32 -1.37
CA ASP A 157 13.39 -25.63 -0.92
C ASP A 157 14.18 -25.57 0.38
N LYS A 158 14.95 -24.50 0.59
CA LYS A 158 15.89 -24.45 1.70
C LYS A 158 15.20 -24.45 3.06
N VAL A 159 13.94 -24.02 3.12
CA VAL A 159 13.25 -23.93 4.40
C VAL A 159 13.06 -25.32 4.98
N LEU A 160 13.42 -25.47 6.26
CA LEU A 160 13.12 -26.70 6.97
C LEU A 160 11.63 -26.76 7.32
N GLY A 161 11.07 -27.95 7.23
CA GLY A 161 9.66 -28.16 7.50
C GLY A 161 8.96 -28.77 6.31
N THR A 162 7.63 -28.85 6.42
CA THR A 162 6.82 -29.40 5.35
C THR A 162 5.77 -28.37 4.94
N PHE A 163 5.38 -28.41 3.67
CA PHE A 163 4.32 -27.59 3.09
C PHE A 163 3.39 -28.50 2.31
N GLU A 164 2.09 -28.27 2.45
CA GLU A 164 1.06 -29.08 1.82
C GLU A 164 0.09 -28.16 1.09
N PHE A 165 -0.08 -28.39 -0.21
CA PHE A 165 -0.94 -27.54 -1.02
C PHE A 165 -2.41 -27.70 -0.64
N ASP A 166 -3.15 -26.59 -0.71
CA ASP A 166 -4.61 -26.57 -0.68
C ASP A 166 -5.07 -26.79 -2.12
N GLU A 167 -5.68 -27.95 -2.38
CA GLU A 167 -6.06 -28.28 -3.74
C GLU A 167 -7.02 -27.24 -4.31
N THR A 168 -7.90 -26.70 -3.47
CA THR A 168 -8.92 -25.77 -3.94
C THR A 168 -8.31 -24.48 -4.46
N SER A 169 -7.11 -24.13 -4.01
CA SER A 169 -6.46 -22.88 -4.38
C SER A 169 -5.95 -22.87 -5.81
N PHE A 170 -5.95 -24.01 -6.51
CA PHE A 170 -5.49 -24.06 -7.88
C PHE A 170 -6.54 -23.64 -8.89
N TRP A 171 -7.78 -23.41 -8.46
CA TRP A 171 -8.81 -22.88 -9.32
C TRP A 171 -9.34 -21.53 -8.89
N ASN A 172 -9.28 -21.22 -7.59
CA ASN A 172 -9.79 -19.96 -7.07
C ASN A 172 -8.87 -18.78 -7.35
N SER A 173 -7.58 -19.02 -7.55
CA SER A 173 -6.60 -17.94 -7.48
C SER A 173 -5.57 -18.08 -8.59
N SER A 174 -4.79 -17.01 -8.78
CA SER A 174 -3.69 -17.03 -9.73
C SER A 174 -2.47 -17.73 -9.16
N HIS A 175 -2.33 -17.75 -7.83
CA HIS A 175 -1.22 -18.42 -7.15
C HIS A 175 -1.78 -19.44 -6.18
N PRO A 176 -1.39 -20.70 -6.27
CA PRO A 176 -1.83 -21.69 -5.28
C PRO A 176 -1.17 -21.43 -3.94
N ARG A 177 -1.84 -21.90 -2.89
CA ARG A 177 -1.40 -21.67 -1.53
C ARG A 177 -1.57 -22.96 -0.74
N GLY A 178 -1.00 -22.98 0.45
CA GLY A 178 -1.12 -24.17 1.27
C GLY A 178 -0.60 -23.93 2.68
N TRP A 179 -0.63 -25.00 3.46
CA TRP A 179 -0.29 -24.94 4.89
C TRP A 179 1.14 -25.37 5.15
N ASN A 180 1.73 -24.83 6.22
CA ASN A 180 3.07 -25.22 6.61
C ASN A 180 3.11 -25.53 8.11
N ASP A 181 4.14 -26.28 8.50
CA ASP A 181 4.50 -26.52 9.90
C ASP A 181 5.80 -25.82 10.28
N HIS A 182 6.17 -24.76 9.56
CA HIS A 182 7.50 -24.18 9.74
C HIS A 182 7.63 -23.49 11.09
N VAL A 183 8.81 -23.63 11.70
CA VAL A 183 9.22 -22.84 12.86
C VAL A 183 10.32 -21.89 12.43
N HIS A 184 10.11 -20.59 12.65
CA HIS A 184 11.11 -19.58 12.34
C HIS A 184 11.35 -18.71 13.56
N ILE A 185 12.61 -18.39 13.82
CA ILE A 185 12.98 -17.46 14.87
C ILE A 185 13.33 -16.12 14.25
N LEU A 186 12.77 -15.05 14.80
CA LEU A 186 13.27 -13.69 14.59
C LEU A 186 13.96 -13.24 15.86
N ASP A 187 15.28 -13.04 15.81
CA ASP A 187 16.07 -12.68 16.98
C ASP A 187 16.08 -11.16 17.06
N THR A 188 15.50 -10.60 18.11
CA THR A 188 15.33 -9.15 18.14
C THR A 188 16.61 -8.42 18.54
N GLU A 189 17.66 -9.15 18.90
CA GLU A 189 18.95 -8.51 19.14
C GLU A 189 19.56 -8.02 17.83
N THR A 190 19.33 -8.73 16.73
CA THR A 190 19.92 -8.40 15.45
C THR A 190 18.90 -8.31 14.32
N PHE A 191 17.62 -8.50 14.61
CA PHE A 191 16.57 -8.64 13.59
C PHE A 191 17.01 -9.58 12.47
N THR A 192 17.37 -10.79 12.88
CA THR A 192 17.85 -11.85 11.98
C THR A 192 16.94 -13.07 12.06
N TRP A 193 16.50 -13.56 10.90
CA TRP A 193 15.71 -14.78 10.80
C TRP A 193 16.60 -16.02 10.85
N SER A 194 16.09 -17.08 11.48
CA SER A 194 16.75 -18.37 11.45
C SER A 194 15.68 -19.45 11.63
N GLN A 195 16.11 -20.71 11.55
CA GLN A 195 15.25 -21.84 11.85
C GLN A 195 15.97 -22.78 12.81
N PRO A 196 15.35 -23.15 13.91
CA PRO A 196 15.97 -24.12 14.83
C PRO A 196 15.81 -25.53 14.29
N ILE A 197 16.76 -26.39 14.68
CA ILE A 197 16.65 -27.81 14.41
C ILE A 197 15.89 -28.44 15.58
N THR A 198 14.71 -28.98 15.29
CA THR A 198 13.82 -29.52 16.30
C THR A 198 13.87 -31.04 16.31
N THR A 199 13.54 -31.60 17.47
CA THR A 199 13.32 -33.02 17.66
C THR A 199 11.90 -33.24 18.14
N GLY A 200 11.48 -34.50 18.15
CA GLY A 200 10.09 -34.83 18.35
C GLY A 200 9.32 -34.68 17.05
N LYS A 201 8.03 -35.00 17.11
CA LYS A 201 7.16 -34.90 15.95
C LYS A 201 6.42 -33.58 15.99
N ALA A 202 6.67 -32.73 15.01
CA ALA A 202 5.97 -31.45 14.93
C ALA A 202 4.48 -31.71 14.70
N PRO A 203 3.63 -30.75 15.04
CA PRO A 203 2.23 -30.86 14.59
C PRO A 203 2.21 -30.83 13.08
N SER A 204 1.14 -31.40 12.50
CA SER A 204 0.95 -31.30 11.06
C SER A 204 0.93 -29.83 10.64
N PRO A 205 1.19 -29.56 9.36
CA PRO A 205 0.96 -28.21 8.83
C PRO A 205 -0.45 -27.75 9.16
N ARG A 206 -0.61 -26.46 9.42
CA ARG A 206 -1.92 -26.00 9.83
C ARG A 206 -1.95 -24.49 9.76
N ALA A 207 -3.14 -23.94 9.65
CA ALA A 207 -3.37 -22.51 9.85
C ALA A 207 -4.58 -22.32 10.75
N ALA A 208 -4.75 -21.07 11.23
CA ALA A 208 -5.85 -20.68 12.10
C ALA A 208 -5.85 -21.46 13.40
N HIS A 209 -4.68 -22.00 13.72
CA HIS A 209 -4.42 -22.54 15.06
C HIS A 209 -4.26 -21.37 16.03
N ALA A 210 -4.06 -21.70 17.30
CA ALA A 210 -3.79 -20.67 18.30
C ALA A 210 -2.58 -21.08 19.12
N CYS A 211 -1.71 -20.10 19.41
CA CYS A 211 -0.47 -20.29 20.14
C CYS A 211 -0.52 -19.54 21.47
N ALA A 212 0.10 -20.11 22.51
CA ALA A 212 0.23 -19.40 23.76
C ALA A 212 1.52 -19.83 24.45
N THR A 213 2.20 -18.87 25.08
CA THR A 213 3.49 -19.13 25.73
C THR A 213 3.36 -19.08 27.25
N VAL A 214 3.83 -20.13 27.93
CA VAL A 214 4.02 -20.11 29.39
C VAL A 214 5.42 -20.65 29.69
N GLY A 215 6.21 -19.84 30.39
CA GLY A 215 7.60 -20.20 30.63
C GLY A 215 8.32 -20.46 29.33
N ASN A 216 9.04 -21.59 29.26
CA ASN A 216 9.73 -22.00 28.05
C ASN A 216 8.90 -22.96 27.22
N ARG A 217 7.58 -22.98 27.39
CA ARG A 217 6.71 -23.88 26.65
C ARG A 217 5.82 -23.07 25.69
N GLY A 218 5.97 -23.35 24.41
CA GLY A 218 5.12 -22.75 23.38
C GLY A 218 3.99 -23.67 22.96
N PHE A 219 2.82 -23.45 23.53
CA PHE A 219 1.66 -24.31 23.28
C PHE A 219 0.99 -23.93 21.96
N VAL A 220 0.46 -24.94 21.28
CA VAL A 220 -0.37 -24.72 20.09
C VAL A 220 -1.56 -25.67 20.15
N PHE A 221 -2.75 -25.14 19.90
CA PHE A 221 -3.97 -25.93 19.92
C PHE A 221 -4.75 -25.78 18.62
N GLY A 222 -5.20 -26.92 18.10
CA GLY A 222 -6.15 -26.93 17.01
C GLY A 222 -5.63 -26.37 15.69
N GLY A 223 -6.56 -25.86 14.90
CA GLY A 223 -6.29 -25.30 13.59
C GLY A 223 -6.84 -26.18 12.47
N ARG A 224 -6.73 -25.68 11.25
CA ARG A 224 -7.23 -26.36 10.07
C ARG A 224 -6.09 -27.07 9.37
N TYR A 225 -6.30 -28.34 9.02
CA TYR A 225 -5.34 -28.98 8.12
C TYR A 225 -6.12 -29.92 7.22
N ARG A 226 -5.89 -29.81 5.90
CA ARG A 226 -6.62 -30.59 4.92
C ARG A 226 -8.11 -30.41 5.12
N ASP A 227 -8.82 -31.49 5.45
CA ASP A 227 -10.27 -31.44 5.57
C ASP A 227 -10.75 -31.52 7.03
N ALA A 228 -9.90 -31.18 7.99
CA ALA A 228 -10.30 -31.23 9.39
C ALA A 228 -9.93 -29.94 10.09
N ARG A 229 -10.73 -29.61 11.10
CA ARG A 229 -10.37 -28.64 12.12
C ARG A 229 -10.12 -29.41 13.39
N MET A 230 -8.88 -29.32 13.89
CA MET A 230 -8.30 -30.31 14.78
C MET A 230 -8.41 -29.99 16.27
N ASN A 231 -8.23 -31.04 17.08
CA ASN A 231 -8.41 -30.98 18.53
C ASN A 231 -7.13 -31.31 19.27
N ASP A 232 -5.99 -31.30 18.60
CA ASP A 232 -4.75 -31.73 19.22
C ASP A 232 -4.01 -30.57 19.90
N LEU A 233 -3.20 -30.94 20.90
CA LEU A 233 -2.50 -29.98 21.75
C LEU A 233 -1.03 -30.38 21.79
N HIS A 234 -0.15 -29.45 21.41
CA HIS A 234 1.30 -29.68 21.44
C HIS A 234 1.96 -28.53 22.18
N TYR A 235 3.22 -28.74 22.56
CA TYR A 235 4.06 -27.61 22.91
C TYR A 235 5.47 -27.85 22.39
N LEU A 236 6.12 -26.75 22.03
CA LEU A 236 7.51 -26.74 21.65
C LEU A 236 8.29 -26.23 22.85
N ASN A 237 9.27 -27.02 23.30
CA ASN A 237 10.19 -26.50 24.31
C ASN A 237 11.10 -25.47 23.64
N LEU A 238 11.05 -24.23 24.12
CA LEU A 238 11.78 -23.16 23.47
C LEU A 238 13.22 -23.05 23.99
N ASP A 239 13.63 -23.92 24.91
CA ASP A 239 15.03 -24.07 25.27
C ASP A 239 15.71 -25.15 24.44
N THR A 240 15.07 -26.30 24.31
CA THR A 240 15.65 -27.48 23.69
C THR A 240 15.15 -27.73 22.27
N TRP A 241 14.09 -27.04 21.84
CA TRP A 241 13.48 -27.24 20.52
C TRP A 241 12.98 -28.67 20.33
N GLU A 242 12.49 -29.26 21.42
CA GLU A 242 11.84 -30.56 21.40
C GLU A 242 10.32 -30.38 21.38
N TRP A 243 9.66 -31.07 20.44
CA TRP A 243 8.21 -31.06 20.30
C TRP A 243 7.59 -32.14 21.17
N ASN A 244 6.47 -31.80 21.82
CA ASN A 244 5.76 -32.71 22.70
C ASN A 244 4.28 -32.67 22.38
N GLU A 245 3.64 -33.84 22.22
CA GLU A 245 2.19 -33.90 22.08
C GLU A 245 1.56 -34.15 23.43
N LEU A 246 0.56 -33.35 23.79
CA LEU A 246 -0.15 -33.53 25.05
C LEU A 246 -1.41 -34.35 24.81
N ILE A 247 -1.66 -35.32 25.69
CA ILE A 247 -2.81 -36.20 25.60
C ILE A 247 -3.57 -36.09 26.91
N PRO A 248 -4.35 -35.04 27.12
CA PRO A 248 -5.08 -34.91 28.39
C PRO A 248 -6.07 -36.06 28.54
N GLN A 249 -6.24 -36.49 29.79
CA GLN A 249 -7.20 -37.54 30.08
C GLN A 249 -8.59 -36.94 30.23
N GLY A 250 -9.59 -37.72 29.83
CA GLY A 250 -10.96 -37.30 30.01
C GLY A 250 -11.46 -36.49 28.85
N ILE A 251 -12.44 -35.65 29.12
CA ILE A 251 -13.15 -34.92 28.08
C ILE A 251 -12.26 -33.81 27.57
N CYS A 252 -12.20 -33.67 26.24
CA CYS A 252 -11.43 -32.60 25.60
C CYS A 252 -12.36 -31.74 24.76
N PRO A 253 -11.97 -30.50 24.44
CA PRO A 253 -12.81 -29.64 23.61
C PRO A 253 -12.89 -30.16 22.18
N VAL A 254 -14.02 -29.86 21.52
CA VAL A 254 -14.17 -30.24 20.12
C VAL A 254 -13.11 -29.54 19.27
N GLY A 255 -12.66 -30.22 18.22
CA GLY A 255 -11.66 -29.63 17.35
C GLY A 255 -12.17 -28.38 16.66
N ARG A 256 -11.26 -27.46 16.36
CA ARG A 256 -11.67 -26.15 15.88
C ARG A 256 -10.51 -25.41 15.24
N SER A 257 -10.86 -24.39 14.45
CA SER A 257 -9.93 -23.34 14.06
C SER A 257 -10.57 -21.99 14.39
N TRP A 258 -9.76 -20.94 14.24
CA TRP A 258 -10.19 -19.55 14.42
C TRP A 258 -10.61 -19.24 15.86
N HIS A 259 -10.15 -20.05 16.82
CA HIS A 259 -10.35 -19.87 18.24
C HIS A 259 -9.23 -18.99 18.80
N SER A 260 -9.35 -18.66 20.09
CA SER A 260 -8.27 -18.02 20.83
C SER A 260 -7.80 -18.91 21.97
N LEU A 261 -6.50 -18.80 22.29
CA LEU A 261 -5.87 -19.55 23.36
C LEU A 261 -4.96 -18.58 24.11
N THR A 262 -5.23 -18.35 25.39
CA THR A 262 -4.63 -17.21 26.07
C THR A 262 -4.05 -17.65 27.41
N PRO A 263 -2.77 -17.37 27.69
CA PRO A 263 -2.24 -17.67 29.04
C PRO A 263 -2.88 -16.75 30.07
N VAL A 264 -3.38 -17.33 31.15
CA VAL A 264 -3.99 -16.54 32.22
C VAL A 264 -3.31 -16.74 33.55
N SER A 265 -2.28 -17.58 33.62
CA SER A 265 -1.49 -17.79 34.83
C SER A 265 -0.27 -18.60 34.40
N SER A 266 0.63 -18.86 35.35
CA SER A 266 1.73 -19.78 35.09
C SER A 266 1.28 -21.23 34.93
N ASP A 267 -0.01 -21.52 35.08
CA ASP A 267 -0.48 -22.90 35.01
C ASP A 267 -1.76 -23.06 34.20
N HIS A 268 -2.25 -22.02 33.52
CA HIS A 268 -3.56 -22.12 32.88
C HIS A 268 -3.61 -21.41 31.53
N LEU A 269 -4.25 -22.06 30.55
CA LEU A 269 -4.53 -21.49 29.25
C LEU A 269 -6.04 -21.40 29.07
N PHE A 270 -6.52 -20.30 28.50
CA PHE A 270 -7.94 -20.06 28.37
C PHE A 270 -8.31 -20.15 26.88
N LEU A 271 -9.27 -21.02 26.57
CA LEU A 271 -9.71 -21.28 25.20
C LEU A 271 -11.12 -20.76 25.00
N PHE A 272 -11.36 -20.07 23.88
CA PHE A 272 -12.71 -19.61 23.56
C PHE A 272 -12.98 -19.57 22.07
N GLY A 273 -14.18 -20.05 21.69
CA GLY A 273 -14.70 -19.72 20.38
C GLY A 273 -14.14 -20.59 19.28
N GLY A 274 -14.33 -20.13 18.05
CA GLY A 274 -13.79 -20.83 16.91
C GLY A 274 -14.86 -21.46 16.05
N PHE A 275 -14.44 -22.45 15.26
CA PHE A 275 -15.20 -22.99 14.15
C PHE A 275 -14.91 -24.48 14.04
N THR A 276 -15.95 -25.32 13.97
CA THR A 276 -15.67 -26.76 13.89
C THR A 276 -15.54 -27.24 12.43
N THR A 277 -15.06 -28.48 12.28
CA THR A 277 -14.98 -29.15 10.99
C THR A 277 -16.31 -29.08 10.24
N ASP A 278 -17.41 -29.27 10.95
CA ASP A 278 -18.74 -29.22 10.36
C ASP A 278 -19.30 -27.81 10.31
N LYS A 279 -18.46 -26.80 10.49
CA LYS A 279 -18.79 -25.40 10.22
C LYS A 279 -19.76 -24.83 11.28
N GLN A 280 -19.60 -25.26 12.54
CA GLN A 280 -20.44 -24.73 13.61
C GLN A 280 -19.68 -23.66 14.39
N PRO A 281 -20.20 -22.43 14.47
CA PRO A 281 -19.56 -21.43 15.33
C PRO A 281 -19.66 -21.83 16.80
N LEU A 282 -18.61 -21.53 17.56
CA LEU A 282 -18.50 -22.02 18.92
C LEU A 282 -18.57 -20.88 19.94
N SER A 283 -19.28 -21.13 21.04
CA SER A 283 -19.28 -20.20 22.16
C SER A 283 -18.79 -20.85 23.44
N ASP A 284 -18.19 -22.03 23.37
CA ASP A 284 -17.71 -22.68 24.57
C ASP A 284 -16.35 -22.13 24.97
N ALA A 285 -16.08 -22.17 26.25
CA ALA A 285 -14.82 -21.70 26.81
C ALA A 285 -14.30 -22.76 27.77
N TRP A 286 -12.98 -22.89 27.84
CA TRP A 286 -12.34 -23.91 28.64
C TRP A 286 -11.07 -23.35 29.24
N THR A 287 -10.64 -23.92 30.35
CA THR A 287 -9.29 -23.72 30.86
C THR A 287 -8.52 -25.01 30.66
N TYR A 288 -7.29 -24.91 30.16
CA TYR A 288 -6.38 -26.04 30.19
C TYR A 288 -5.47 -25.86 31.39
N CYS A 289 -5.47 -26.86 32.27
CA CYS A 289 -4.61 -26.87 33.45
C CYS A 289 -3.31 -27.59 33.10
N ILE A 290 -2.20 -26.85 33.10
CA ILE A 290 -0.96 -27.40 32.61
C ILE A 290 -0.45 -28.47 33.57
N SER A 291 -0.42 -28.15 34.87
CA SER A 291 0.12 -29.09 35.84
C SER A 291 -0.69 -30.38 35.90
N LYS A 292 -2.00 -30.30 35.69
CA LYS A 292 -2.87 -31.47 35.72
C LYS A 292 -3.09 -32.10 34.35
N ASN A 293 -2.69 -31.43 33.26
CA ASN A 293 -2.93 -31.93 31.91
C ASN A 293 -4.40 -32.28 31.76
N GLU A 294 -5.26 -31.33 32.09
CA GLU A 294 -6.69 -31.56 32.13
C GLU A 294 -7.43 -30.31 31.65
N TRP A 295 -8.44 -30.53 30.82
CA TRP A 295 -9.33 -29.46 30.39
C TRP A 295 -10.51 -29.32 31.34
N ILE A 296 -10.89 -28.08 31.62
CA ILE A 296 -12.01 -27.75 32.52
C ILE A 296 -12.94 -26.79 31.79
N GLN A 297 -14.18 -27.20 31.54
CA GLN A 297 -15.07 -26.30 30.84
C GLN A 297 -15.44 -25.14 31.75
N PHE A 298 -15.51 -23.95 31.15
CA PHE A 298 -15.66 -22.69 31.86
C PHE A 298 -17.05 -22.15 31.61
N ASN A 299 -17.79 -21.84 32.67
CA ASN A 299 -19.13 -21.30 32.51
C ASN A 299 -19.06 -19.78 32.44
N HIS A 300 -19.83 -19.21 31.52
CA HIS A 300 -19.77 -17.79 31.24
C HIS A 300 -21.13 -17.34 30.73
N PRO A 301 -21.39 -16.03 30.73
CA PRO A 301 -22.72 -15.54 30.30
C PRO A 301 -22.82 -15.24 28.81
N TYR A 302 -21.88 -15.70 27.99
CA TYR A 302 -21.91 -15.39 26.57
C TYR A 302 -22.19 -16.63 25.71
N THR A 303 -23.00 -17.56 26.22
CA THR A 303 -23.26 -18.80 25.47
C THR A 303 -23.98 -18.52 24.15
N GLU A 304 -24.67 -17.39 24.02
CA GLU A 304 -25.34 -17.03 22.77
C GLU A 304 -24.52 -16.07 21.94
N LYS A 305 -23.23 -15.91 22.24
CA LYS A 305 -22.34 -15.04 21.47
C LYS A 305 -21.12 -15.83 21.01
N PRO A 306 -21.30 -16.80 20.12
CA PRO A 306 -20.15 -17.48 19.54
C PRO A 306 -19.31 -16.49 18.74
N ARG A 307 -18.00 -16.77 18.68
CA ARG A 307 -17.08 -15.91 17.96
C ARG A 307 -16.04 -16.77 17.24
N LEU A 308 -15.71 -16.36 16.01
CA LEU A 308 -14.57 -16.93 15.29
C LEU A 308 -13.79 -15.79 14.64
N TRP A 309 -12.47 -15.93 14.64
CA TRP A 309 -11.52 -14.93 14.12
C TRP A 309 -11.55 -13.65 14.93
N HIS A 310 -11.96 -13.77 16.18
CA HIS A 310 -11.83 -12.74 17.20
C HIS A 310 -10.39 -12.74 17.72
N THR A 311 -10.11 -11.78 18.60
CA THR A 311 -8.88 -11.77 19.39
C THR A 311 -9.22 -11.89 20.87
N ALA A 312 -8.26 -12.41 21.64
CA ALA A 312 -8.36 -12.47 23.10
C ALA A 312 -7.07 -11.94 23.71
N CYS A 313 -7.20 -11.09 24.73
CA CYS A 313 -6.07 -10.56 25.48
C CYS A 313 -6.33 -10.68 26.97
N ALA A 314 -5.33 -11.15 27.70
CA ALA A 314 -5.42 -11.20 29.16
C ALA A 314 -5.09 -9.85 29.77
N SER A 315 -5.84 -9.48 30.80
CA SER A 315 -5.57 -8.27 31.56
C SER A 315 -4.81 -8.61 32.84
N ASP A 316 -4.15 -7.59 33.40
CA ASP A 316 -3.50 -7.73 34.69
C ASP A 316 -4.50 -7.92 35.81
N GLU A 317 -5.80 -7.76 35.55
CA GLU A 317 -6.84 -7.84 36.57
C GLU A 317 -7.68 -9.12 36.42
N GLY A 318 -7.05 -10.23 36.06
CA GLY A 318 -7.71 -11.52 36.03
C GLY A 318 -8.88 -11.62 35.07
N GLU A 319 -8.73 -11.08 33.86
CA GLU A 319 -9.79 -11.09 32.86
C GLU A 319 -9.20 -11.43 31.51
N VAL A 320 -10.03 -12.02 30.65
CA VAL A 320 -9.71 -12.20 29.24
C VAL A 320 -10.65 -11.31 28.44
N ILE A 321 -10.07 -10.47 27.59
CA ILE A 321 -10.80 -9.44 26.85
C ILE A 321 -10.86 -9.88 25.39
N VAL A 322 -12.02 -10.37 24.97
CA VAL A 322 -12.26 -10.83 23.60
C VAL A 322 -12.86 -9.69 22.82
N PHE A 323 -12.34 -9.43 21.63
CA PHE A 323 -12.88 -8.36 20.80
C PHE A 323 -13.07 -8.84 19.37
N GLY A 324 -14.16 -8.40 18.75
CA GLY A 324 -14.33 -8.56 17.33
C GLY A 324 -14.63 -10.00 16.97
N GLY A 325 -14.35 -10.33 15.70
CA GLY A 325 -14.68 -11.64 15.18
C GLY A 325 -16.11 -11.69 14.69
N CYS A 326 -16.48 -12.89 14.23
CA CYS A 326 -17.73 -13.13 13.53
C CYS A 326 -18.60 -14.11 14.30
N ALA A 327 -19.91 -13.82 14.38
CA ALA A 327 -20.83 -14.67 15.14
C ALA A 327 -21.33 -15.87 14.36
N ASN A 328 -21.17 -15.88 13.03
CA ASN A 328 -21.62 -17.01 12.23
C ASN A 328 -20.54 -17.45 11.24
N ASN A 329 -20.92 -18.30 10.29
CA ASN A 329 -19.95 -18.79 9.31
C ASN A 329 -19.59 -17.63 8.38
N LEU A 330 -18.41 -17.05 8.60
CA LEU A 330 -17.99 -15.93 7.78
C LEU A 330 -17.59 -16.35 6.38
N LEU A 331 -17.50 -17.65 6.10
CA LEU A 331 -17.26 -18.08 4.73
C LEU A 331 -18.45 -17.79 3.83
N VAL A 332 -19.64 -17.55 4.40
CA VAL A 332 -20.78 -17.06 3.61
C VAL A 332 -20.74 -15.54 3.73
N HIS A 333 -19.99 -14.91 2.82
CA HIS A 333 -19.55 -13.53 3.04
C HIS A 333 -20.74 -12.57 3.11
N HIS A 334 -21.76 -12.78 2.28
CA HIS A 334 -22.88 -11.84 2.24
C HIS A 334 -23.80 -11.94 3.44
N ARG A 335 -23.62 -12.94 4.31
CA ARG A 335 -24.39 -13.07 5.53
C ARG A 335 -23.56 -12.94 6.80
N ALA A 336 -22.27 -12.63 6.70
CA ALA A 336 -21.38 -12.67 7.86
C ALA A 336 -21.75 -11.59 8.88
N ALA A 337 -21.77 -11.99 10.15
CA ALA A 337 -22.10 -11.10 11.27
C ALA A 337 -20.83 -10.69 12.03
N HIS A 338 -20.07 -9.77 11.43
CA HIS A 338 -18.90 -9.25 12.11
C HIS A 338 -19.29 -8.39 13.30
N SER A 339 -18.46 -8.40 14.33
CA SER A 339 -18.82 -7.80 15.60
C SER A 339 -17.81 -6.75 16.00
N ASN A 340 -18.27 -5.77 16.80
CA ASN A 340 -17.38 -4.83 17.47
C ASN A 340 -17.52 -4.90 18.98
N GLU A 341 -18.08 -6.01 19.49
CA GLU A 341 -18.37 -6.13 20.91
C GLU A 341 -17.16 -6.61 21.69
N ILE A 342 -17.09 -6.15 22.94
CA ILE A 342 -16.10 -6.60 23.91
C ILE A 342 -16.77 -7.65 24.79
N LEU A 343 -16.20 -8.85 24.84
CA LEU A 343 -16.63 -9.86 25.79
C LEU A 343 -15.56 -9.99 26.86
N ILE A 344 -15.97 -9.97 28.12
CA ILE A 344 -15.03 -9.98 29.24
C ILE A 344 -15.29 -11.23 30.07
N PHE A 345 -14.28 -12.08 30.18
CA PHE A 345 -14.36 -13.32 30.94
C PHE A 345 -13.55 -13.15 32.22
N SER A 346 -14.11 -13.55 33.36
CA SER A 346 -13.43 -13.49 34.65
C SER A 346 -12.84 -14.86 34.93
N VAL A 347 -11.54 -15.02 34.68
CA VAL A 347 -10.88 -16.31 34.84
C VAL A 347 -10.04 -16.38 36.12
N ALA B 15 10.09 -9.03 -23.37
CA ALA B 15 8.72 -8.83 -22.92
C ALA B 15 8.33 -7.36 -23.07
N CYS B 16 7.03 -7.09 -22.97
CA CYS B 16 6.51 -5.74 -23.15
C CYS B 16 5.66 -5.33 -21.96
N PRO B 17 5.70 -4.05 -21.57
CA PRO B 17 4.82 -3.60 -20.49
C PRO B 17 3.38 -3.57 -20.94
N ALA B 18 2.48 -3.80 -19.98
CA ALA B 18 1.05 -3.74 -20.28
C ALA B 18 0.63 -2.32 -20.63
N GLU B 19 -0.51 -2.21 -21.30
CA GLU B 19 -1.07 -0.91 -21.67
C GLU B 19 -1.47 -0.14 -20.42
N ARG B 20 -1.40 1.18 -20.52
CA ARG B 20 -1.68 1.98 -19.32
C ARG B 20 -1.79 3.45 -19.71
N SER B 21 -2.55 4.19 -18.90
CA SER B 21 -2.56 5.65 -18.91
C SER B 21 -2.26 6.17 -17.52
N GLY B 22 -1.90 7.45 -17.45
CA GLY B 22 -1.61 8.09 -16.18
C GLY B 22 -0.39 7.58 -15.46
N HIS B 23 0.47 6.84 -16.14
CA HIS B 23 1.75 6.42 -15.57
C HIS B 23 2.73 7.60 -15.51
N VAL B 24 3.92 7.35 -14.99
CA VAL B 24 5.01 8.31 -15.12
C VAL B 24 6.05 7.71 -16.06
N ALA B 25 6.76 8.61 -16.76
CA ALA B 25 7.94 8.21 -17.50
C ALA B 25 8.96 9.33 -17.39
N VAL B 26 10.16 8.98 -16.96
CA VAL B 26 11.25 9.94 -16.84
C VAL B 26 12.47 9.32 -17.50
N SER B 27 13.43 10.16 -17.85
CA SER B 27 14.53 9.73 -18.71
C SER B 27 15.80 10.45 -18.32
N ASP B 28 16.93 9.79 -18.55
CA ASP B 28 18.23 10.44 -18.49
C ASP B 28 18.77 10.77 -19.87
N GLY B 29 17.93 10.67 -20.91
CA GLY B 29 18.36 10.85 -22.27
C GLY B 29 18.69 9.55 -23.00
N ARG B 30 18.90 8.46 -22.28
CA ARG B 30 19.22 7.16 -22.86
C ARG B 30 18.29 6.05 -22.40
N HIS B 31 17.94 6.01 -21.12
CA HIS B 31 16.99 5.04 -20.60
C HIS B 31 15.75 5.78 -20.12
N MET B 32 14.59 5.24 -20.45
CA MET B 32 13.31 5.77 -19.99
C MET B 32 12.74 4.84 -18.93
N PHE B 33 12.40 5.40 -17.78
CA PHE B 33 11.88 4.67 -16.63
C PHE B 33 10.38 4.88 -16.54
N VAL B 34 9.62 3.78 -16.50
CA VAL B 34 8.16 3.83 -16.56
C VAL B 34 7.61 3.18 -15.31
N TRP B 35 6.71 3.87 -14.60
CA TRP B 35 6.13 3.33 -13.38
C TRP B 35 4.64 3.65 -13.29
N GLY B 36 3.88 2.73 -12.69
CA GLY B 36 2.50 3.00 -12.29
C GLY B 36 1.49 3.11 -13.42
N GLY B 37 0.43 3.88 -13.17
CA GLY B 37 -0.66 4.01 -14.10
C GLY B 37 -1.80 3.02 -13.85
N TYR B 38 -2.77 3.02 -14.76
CA TYR B 38 -3.90 2.09 -14.66
C TYR B 38 -4.35 1.66 -16.04
N LYS B 39 -5.21 0.63 -16.09
CA LYS B 39 -5.74 0.13 -17.36
C LYS B 39 -7.10 -0.51 -17.11
N SER B 40 -7.76 -0.94 -18.18
CA SER B 40 -9.06 -1.59 -18.07
C SER B 40 -8.91 -3.10 -18.24
N ASN B 41 -9.77 -3.84 -17.56
CA ASN B 41 -9.75 -5.30 -17.57
C ASN B 41 -9.95 -5.84 -18.98
N PHE B 49 -8.08 -0.78 -11.48
CA PHE B 49 -7.05 -1.63 -12.04
C PHE B 49 -5.73 -0.86 -12.20
N TYR B 50 -5.05 -0.62 -11.07
CA TYR B 50 -3.75 0.01 -11.10
C TYR B 50 -2.68 -1.04 -11.39
N LEU B 51 -1.66 -0.66 -12.16
CA LEU B 51 -0.61 -1.62 -12.49
C LEU B 51 0.29 -1.88 -11.28
N PRO B 52 0.96 -3.03 -11.25
CA PRO B 52 1.67 -3.45 -10.02
C PRO B 52 2.73 -2.45 -9.57
N ARG B 53 2.72 -2.16 -8.26
CA ARG B 53 3.54 -1.06 -7.73
C ARG B 53 5.03 -1.39 -7.76
N GLU B 54 5.39 -2.68 -7.64
CA GLU B 54 6.79 -3.03 -7.51
C GLU B 54 7.52 -3.01 -8.84
N GLU B 55 6.80 -3.03 -9.95
CA GLU B 55 7.41 -3.10 -11.27
C GLU B 55 7.94 -1.75 -11.70
N LEU B 56 9.13 -1.76 -12.30
CA LEU B 56 9.69 -0.60 -13.00
C LEU B 56 10.13 -1.08 -14.37
N TRP B 57 9.61 -0.43 -15.41
CA TRP B 57 9.94 -0.78 -16.78
C TRP B 57 10.98 0.21 -17.30
N ILE B 58 12.06 -0.31 -17.86
CA ILE B 58 13.15 0.49 -18.40
C ILE B 58 13.20 0.23 -19.89
N TYR B 59 13.13 1.31 -20.67
CA TYR B 59 13.18 1.26 -22.12
C TYR B 59 14.49 1.89 -22.57
N ASN B 60 15.27 1.16 -23.38
CA ASN B 60 16.51 1.69 -23.93
C ASN B 60 16.18 2.43 -25.21
N MET B 61 16.37 3.76 -25.20
CA MET B 61 16.00 4.57 -26.35
C MET B 61 16.87 4.25 -27.57
N GLU B 62 18.16 4.01 -27.36
CA GLU B 62 19.00 3.67 -28.50
C GLU B 62 18.70 2.27 -29.02
N THR B 63 18.31 1.35 -28.14
CA THR B 63 18.12 -0.04 -28.51
C THR B 63 16.68 -0.36 -28.89
N GLY B 64 15.71 0.24 -28.21
CA GLY B 64 14.31 -0.07 -28.45
C GLY B 64 13.80 -1.28 -27.68
N ARG B 65 14.53 -1.78 -26.71
CA ARG B 65 14.15 -2.97 -25.95
C ARG B 65 13.75 -2.61 -24.52
N TRP B 66 12.83 -3.41 -23.96
CA TRP B 66 12.33 -3.22 -22.62
C TRP B 66 13.01 -4.18 -21.63
N LYS B 67 13.15 -3.71 -20.39
CA LYS B 67 13.60 -4.53 -19.28
C LYS B 67 12.71 -4.26 -18.08
N LYS B 68 12.28 -5.32 -17.39
CA LYS B 68 11.42 -5.20 -16.22
C LYS B 68 12.23 -5.43 -14.95
N ILE B 69 12.06 -4.54 -13.98
CA ILE B 69 12.77 -4.59 -12.71
C ILE B 69 11.74 -4.64 -11.60
N ASN B 70 11.98 -5.47 -10.60
CA ASN B 70 11.15 -5.52 -9.40
C ASN B 70 11.87 -4.77 -8.28
N THR B 71 11.22 -3.76 -7.72
CA THR B 71 11.84 -2.87 -6.76
C THR B 71 11.43 -3.24 -5.33
N GLU B 72 12.23 -2.77 -4.37
CA GLU B 72 12.00 -3.00 -2.96
C GLU B 72 12.02 -1.68 -2.21
N GLY B 73 12.06 -1.72 -0.87
CA GLY B 73 12.10 -0.52 -0.07
C GLY B 73 10.73 0.02 0.26
N ASP B 74 10.60 1.34 0.36
CA ASP B 74 9.31 2.00 0.60
C ASP B 74 8.59 2.17 -0.73
N VAL B 75 8.17 1.05 -1.29
CA VAL B 75 7.49 1.10 -2.60
C VAL B 75 6.23 1.93 -2.48
N PRO B 76 6.01 2.93 -3.32
CA PRO B 76 4.79 3.70 -3.22
C PRO B 76 3.60 2.87 -3.68
N PRO B 77 2.40 3.20 -3.20
CA PRO B 77 1.20 2.51 -3.72
C PRO B 77 1.06 2.79 -5.21
N SER B 78 0.44 1.85 -5.93
CA SER B 78 0.22 2.02 -7.35
C SER B 78 -0.70 3.21 -7.54
N MET B 79 -0.34 4.08 -8.49
CA MET B 79 -1.04 5.35 -8.62
C MET B 79 -1.10 5.77 -10.09
N SER B 80 -2.08 6.61 -10.39
CA SER B 80 -2.13 7.36 -11.63
C SER B 80 -1.96 8.83 -11.28
N GLY B 81 -1.45 9.60 -12.23
CA GLY B 81 -1.34 11.04 -12.04
C GLY B 81 -0.21 11.50 -11.13
N SER B 82 0.71 10.61 -10.77
CA SER B 82 1.87 11.03 -10.01
C SER B 82 2.74 11.93 -10.86
N CYS B 83 3.58 12.72 -10.19
CA CYS B 83 4.48 13.66 -10.84
C CYS B 83 5.93 13.25 -10.53
N ALA B 84 6.72 13.01 -11.59
CA ALA B 84 8.06 12.47 -11.40
C ALA B 84 9.08 13.21 -12.25
N VAL B 85 10.33 13.15 -11.77
CA VAL B 85 11.50 13.74 -12.42
C VAL B 85 12.64 12.73 -12.35
N CYS B 86 13.60 12.90 -13.25
CA CYS B 86 14.86 12.18 -13.19
C CYS B 86 15.97 13.23 -13.15
N VAL B 87 16.70 13.31 -12.04
CA VAL B 87 17.84 14.22 -11.92
C VAL B 87 19.07 13.40 -11.54
N ASP B 88 20.08 13.43 -12.42
CA ASP B 88 21.34 12.71 -12.17
C ASP B 88 21.06 11.25 -11.85
N ARG B 89 20.14 10.64 -12.61
CA ARG B 89 19.78 9.24 -12.49
C ARG B 89 19.09 8.90 -11.18
N VAL B 90 18.73 9.89 -10.36
CA VAL B 90 17.89 9.68 -9.18
C VAL B 90 16.47 10.06 -9.53
N LEU B 91 15.54 9.16 -9.28
CA LEU B 91 14.13 9.37 -9.60
C LEU B 91 13.45 9.96 -8.39
N TYR B 92 12.65 11.02 -8.58
CA TYR B 92 11.87 11.58 -7.49
C TYR B 92 10.41 11.54 -7.89
N LEU B 93 9.54 11.24 -6.93
CA LEU B 93 8.13 11.03 -7.22
C LEU B 93 7.28 11.75 -6.18
N PHE B 94 6.32 12.55 -6.65
CA PHE B 94 5.45 13.30 -5.74
C PHE B 94 3.99 13.07 -6.13
N GLY B 95 3.15 12.87 -5.10
CA GLY B 95 1.69 12.90 -5.26
C GLY B 95 1.18 11.75 -6.11
N GLY B 96 -0.05 11.90 -6.60
CA GLY B 96 -0.74 10.86 -7.34
C GLY B 96 -2.03 10.45 -6.67
N HIS B 97 -2.70 9.48 -7.31
CA HIS B 97 -4.01 9.00 -6.86
C HIS B 97 -4.01 7.48 -6.84
N HIS B 98 -4.34 6.90 -5.69
CA HIS B 98 -4.47 5.45 -5.49
C HIS B 98 -5.91 5.14 -5.08
N SER B 99 -6.16 3.90 -4.68
CA SER B 99 -7.53 3.47 -4.42
C SER B 99 -8.20 4.25 -3.29
N ARG B 100 -7.42 4.86 -2.40
CA ARG B 100 -7.97 5.66 -1.31
C ARG B 100 -7.78 7.16 -1.52
N GLY B 101 -7.56 7.60 -2.76
CA GLY B 101 -7.58 9.02 -3.06
C GLY B 101 -6.21 9.60 -3.36
N ASN B 102 -6.12 10.91 -3.23
CA ASN B 102 -4.88 11.63 -3.54
C ASN B 102 -3.91 11.59 -2.35
N THR B 103 -2.63 11.86 -2.64
CA THR B 103 -1.56 11.83 -1.65
C THR B 103 -0.61 12.99 -1.88
N ASN B 104 0.24 13.26 -0.89
CA ASN B 104 1.30 14.25 -1.02
C ASN B 104 2.64 13.71 -0.51
N LYS B 105 2.81 12.40 -0.50
CA LYS B 105 4.08 11.83 -0.12
C LYS B 105 5.10 11.98 -1.25
N PHE B 106 6.37 11.92 -0.86
CA PHE B 106 7.50 12.18 -1.74
C PHE B 106 8.46 11.01 -1.65
N TYR B 107 8.85 10.46 -2.79
CA TYR B 107 9.70 9.27 -2.82
C TYR B 107 10.94 9.53 -3.66
N MET B 108 12.00 8.80 -3.32
CA MET B 108 13.27 8.81 -4.02
C MET B 108 13.63 7.39 -4.44
N LEU B 109 14.10 7.24 -5.67
CA LEU B 109 14.59 5.95 -6.16
C LEU B 109 15.91 6.19 -6.90
N ASP B 110 17.02 5.89 -6.24
CA ASP B 110 18.33 6.00 -6.85
C ASP B 110 18.50 4.86 -7.85
N SER B 111 18.59 5.20 -9.13
CA SER B 111 18.75 4.20 -10.18
C SER B 111 20.19 4.11 -10.67
N ARG B 112 21.14 4.69 -9.92
CA ARG B 112 22.52 4.78 -10.41
C ARG B 112 23.22 3.43 -10.37
N SER B 113 23.08 2.69 -9.27
CA SER B 113 23.77 1.42 -9.11
C SER B 113 22.87 0.31 -9.67
N THR B 114 23.15 -0.09 -10.91
CA THR B 114 22.31 -1.09 -11.56
C THR B 114 22.55 -2.50 -11.04
N ASP B 115 23.76 -2.77 -10.54
CA ASP B 115 24.11 -4.12 -10.08
C ASP B 115 23.71 -4.35 -8.61
N ARG B 116 22.46 -4.04 -8.31
CA ARG B 116 21.83 -4.26 -7.00
C ARG B 116 20.37 -3.85 -7.13
N VAL B 117 19.51 -4.52 -6.36
CA VAL B 117 18.07 -4.28 -6.51
C VAL B 117 17.73 -2.86 -6.06
N LEU B 118 17.03 -2.13 -6.92
CA LEU B 118 16.68 -0.75 -6.64
C LEU B 118 15.70 -0.66 -5.48
N GLN B 119 15.95 0.30 -4.58
CA GLN B 119 15.15 0.48 -3.38
C GLN B 119 14.55 1.88 -3.36
N TRP B 120 13.22 1.94 -3.18
CA TRP B 120 12.53 3.21 -2.98
C TRP B 120 12.76 3.71 -1.57
N GLU B 121 12.88 5.04 -1.42
CA GLU B 121 12.92 5.68 -0.12
C GLU B 121 11.84 6.75 -0.06
N ARG B 122 10.91 6.61 0.88
CA ARG B 122 9.97 7.67 1.22
C ARG B 122 10.66 8.69 2.11
N ILE B 123 10.68 9.94 1.69
CA ILE B 123 11.46 10.97 2.36
C ILE B 123 10.61 11.74 3.36
N ASP B 124 11.12 11.86 4.58
CA ASP B 124 10.55 12.72 5.63
C ASP B 124 10.98 14.14 5.35
N CYS B 125 10.15 14.88 4.60
CA CYS B 125 10.51 16.25 4.25
C CYS B 125 10.23 17.19 5.42
N GLN B 126 11.09 18.18 5.57
CA GLN B 126 10.81 19.33 6.42
C GLN B 126 9.92 20.32 5.68
N GLY B 127 9.36 21.26 6.43
CA GLY B 127 8.49 22.27 5.83
C GLY B 127 7.08 21.76 5.62
N ILE B 128 6.23 22.66 5.11
CA ILE B 128 4.81 22.37 4.90
C ILE B 128 4.67 21.80 3.48
N PRO B 129 4.24 20.56 3.32
CA PRO B 129 4.17 19.98 1.97
C PRO B 129 3.01 20.57 1.19
N PRO B 130 2.94 20.32 -0.12
CA PRO B 130 1.74 20.72 -0.87
C PRO B 130 0.53 19.90 -0.41
N SER B 131 -0.64 20.32 -0.88
CA SER B 131 -1.83 19.56 -0.59
C SER B 131 -1.82 18.25 -1.39
N SER B 132 -2.58 17.26 -0.91
CA SER B 132 -2.67 15.98 -1.60
C SER B 132 -3.36 16.15 -2.95
N LYS B 133 -2.70 15.71 -4.03
CA LYS B 133 -3.14 16.06 -5.37
C LYS B 133 -2.48 15.19 -6.43
N ASP B 134 -2.98 15.30 -7.66
CA ASP B 134 -2.44 14.57 -8.81
C ASP B 134 -2.54 15.48 -10.03
N LYS B 135 -2.03 14.99 -11.14
CA LYS B 135 -2.18 15.63 -12.46
C LYS B 135 -1.66 17.08 -12.41
N LEU B 136 -0.38 17.20 -12.06
CA LEU B 136 0.27 18.48 -11.85
C LEU B 136 1.49 18.56 -12.77
N GLY B 137 2.42 19.46 -12.49
CA GLY B 137 3.65 19.51 -13.25
C GLY B 137 4.81 19.95 -12.39
N VAL B 138 6.02 19.75 -12.93
CA VAL B 138 7.22 20.07 -12.16
C VAL B 138 8.29 20.64 -13.10
N TRP B 139 9.05 21.59 -12.59
CA TRP B 139 10.26 22.10 -13.21
C TRP B 139 11.46 21.72 -12.35
N VAL B 140 12.60 21.51 -12.99
CA VAL B 140 13.86 21.18 -12.31
C VAL B 140 14.82 22.32 -12.56
N TYR B 141 15.33 22.91 -11.48
CA TYR B 141 16.27 24.01 -11.62
C TYR B 141 17.27 23.94 -10.48
N LYS B 142 18.52 23.63 -10.84
CA LYS B 142 19.61 23.41 -9.89
C LYS B 142 19.17 22.43 -8.81
N ASN B 143 19.24 22.84 -7.54
CA ASN B 143 18.93 21.93 -6.45
C ASN B 143 17.45 21.86 -6.16
N LYS B 144 16.60 22.52 -6.94
CA LYS B 144 15.19 22.69 -6.61
C LYS B 144 14.31 21.89 -7.54
N LEU B 145 13.29 21.23 -6.96
CA LEU B 145 12.16 20.72 -7.72
C LEU B 145 10.98 21.66 -7.49
N ILE B 146 10.39 22.16 -8.56
CA ILE B 146 9.39 23.21 -8.42
C ILE B 146 8.08 22.66 -8.98
N PHE B 147 7.09 22.46 -8.10
CA PHE B 147 5.84 21.84 -8.50
C PHE B 147 4.75 22.91 -8.65
N PHE B 148 3.89 22.71 -9.66
CA PHE B 148 2.84 23.68 -9.97
C PHE B 148 1.49 23.00 -10.21
N GLY B 149 0.43 23.51 -9.58
CA GLY B 149 -0.93 23.15 -9.97
C GLY B 149 -1.38 21.78 -9.50
N GLY B 150 -2.46 21.28 -10.10
CA GLY B 150 -2.92 19.94 -9.80
C GLY B 150 -4.36 19.91 -9.35
N TYR B 151 -4.80 18.70 -8.97
CA TYR B 151 -6.17 18.42 -8.56
C TYR B 151 -6.17 17.59 -7.28
N GLY B 152 -6.93 18.02 -6.29
CA GLY B 152 -6.99 17.24 -5.05
C GLY B 152 -7.82 17.93 -4.00
N TYR B 153 -7.58 17.57 -2.74
CA TYR B 153 -8.42 18.07 -1.65
C TYR B 153 -8.11 19.52 -1.32
N LEU B 154 -9.02 20.13 -0.55
CA LEU B 154 -8.87 21.52 -0.16
C LEU B 154 -7.60 21.71 0.66
N PRO B 155 -6.75 22.67 0.32
CA PRO B 155 -5.56 22.95 1.13
C PRO B 155 -5.91 23.79 2.34
N GLU B 156 -4.91 23.93 3.22
CA GLU B 156 -5.07 24.76 4.41
C GLU B 156 -4.93 26.24 4.05
N ASP B 157 -5.44 27.08 4.94
CA ASP B 157 -5.50 28.52 4.68
C ASP B 157 -4.11 29.11 4.49
N LYS B 158 -3.09 28.55 5.16
CA LYS B 158 -1.76 29.15 5.17
C LYS B 158 -1.02 28.98 3.85
N VAL B 159 -1.45 28.06 2.99
CA VAL B 159 -0.75 27.84 1.73
C VAL B 159 -0.92 29.07 0.85
N LEU B 160 0.15 29.46 0.17
CA LEU B 160 0.12 30.57 -0.75
C LEU B 160 -0.49 30.12 -2.08
N GLY B 161 -1.42 30.91 -2.60
CA GLY B 161 -2.05 30.63 -3.88
C GLY B 161 -3.55 30.50 -3.71
N THR B 162 -4.20 29.99 -4.76
CA THR B 162 -5.64 29.83 -4.71
C THR B 162 -6.05 28.41 -5.10
N PHE B 163 -7.27 28.09 -4.71
CA PHE B 163 -7.87 26.79 -4.95
C PHE B 163 -9.31 27.02 -5.38
N GLU B 164 -9.78 26.28 -6.37
CA GLU B 164 -11.13 26.41 -6.91
C GLU B 164 -11.76 25.03 -6.92
N PHE B 165 -12.90 24.89 -6.24
CA PHE B 165 -13.57 23.60 -6.14
C PHE B 165 -14.14 23.18 -7.49
N ASP B 166 -14.15 21.87 -7.73
CA ASP B 166 -14.80 21.26 -8.90
C ASP B 166 -16.16 20.75 -8.46
N GLU B 167 -17.22 21.38 -8.98
CA GLU B 167 -18.58 21.10 -8.51
C GLU B 167 -19.03 19.68 -8.83
N THR B 168 -18.45 19.05 -9.86
CA THR B 168 -18.78 17.66 -10.12
C THR B 168 -18.29 16.71 -9.02
N SER B 169 -17.39 17.17 -8.14
CA SER B 169 -16.92 16.34 -7.05
C SER B 169 -17.80 16.41 -5.81
N PHE B 170 -18.84 17.24 -5.82
CA PHE B 170 -19.60 17.48 -4.59
C PHE B 170 -20.52 16.32 -4.23
N TRP B 171 -20.78 15.39 -5.14
CA TRP B 171 -21.78 14.36 -4.88
C TRP B 171 -21.27 12.94 -5.13
N ASN B 172 -20.34 12.77 -6.06
CA ASN B 172 -19.89 11.43 -6.41
C ASN B 172 -18.99 10.81 -5.35
N SER B 173 -18.33 11.61 -4.53
CA SER B 173 -17.34 11.11 -3.59
C SER B 173 -17.69 11.54 -2.17
N SER B 174 -16.82 11.18 -1.24
CA SER B 174 -16.94 11.57 0.16
C SER B 174 -16.24 12.89 0.46
N HIS B 175 -15.22 13.25 -0.31
CA HIS B 175 -14.50 14.50 -0.12
C HIS B 175 -14.48 15.29 -1.43
N PRO B 176 -14.90 16.55 -1.41
CA PRO B 176 -14.84 17.37 -2.62
C PRO B 176 -13.39 17.71 -2.98
N ARG B 177 -13.15 17.94 -4.26
CA ARG B 177 -11.80 18.23 -4.75
C ARG B 177 -11.87 19.38 -5.74
N GLY B 178 -10.70 19.89 -6.10
CA GLY B 178 -10.64 21.03 -7.01
C GLY B 178 -9.22 21.31 -7.44
N TRP B 179 -9.06 22.40 -8.20
CA TRP B 179 -7.81 22.80 -8.84
C TRP B 179 -7.06 23.85 -8.02
N ASN B 180 -5.73 23.83 -8.11
CA ASN B 180 -4.91 24.87 -7.47
C ASN B 180 -3.91 25.45 -8.47
N ASP B 181 -3.40 26.62 -8.11
CA ASP B 181 -2.32 27.28 -8.86
C ASP B 181 -1.06 27.35 -8.03
N HIS B 182 -0.92 26.46 -7.06
CA HIS B 182 0.18 26.60 -6.10
C HIS B 182 1.53 26.32 -6.74
N VAL B 183 2.55 27.04 -6.28
CA VAL B 183 3.95 26.76 -6.57
C VAL B 183 4.61 26.33 -5.27
N HIS B 184 5.24 25.14 -5.27
CA HIS B 184 5.95 24.62 -4.10
C HIS B 184 7.36 24.21 -4.50
N ILE B 185 8.34 24.54 -3.67
CA ILE B 185 9.72 24.17 -3.92
C ILE B 185 10.09 23.04 -2.97
N LEU B 186 10.63 21.96 -3.52
CA LEU B 186 11.34 20.96 -2.73
C LEU B 186 12.83 21.17 -2.97
N ASP B 187 13.54 21.62 -1.94
CA ASP B 187 14.97 21.86 -2.01
C ASP B 187 15.66 20.52 -1.77
N THR B 188 16.41 20.03 -2.75
CA THR B 188 17.02 18.72 -2.58
C THR B 188 18.27 18.78 -1.74
N GLU B 189 18.75 19.98 -1.38
CA GLU B 189 19.87 20.02 -0.45
C GLU B 189 19.46 19.59 0.95
N THR B 190 18.22 19.86 1.34
CA THR B 190 17.75 19.63 2.69
C THR B 190 16.43 18.88 2.74
N PHE B 191 15.87 18.52 1.60
CA PHE B 191 14.52 17.93 1.51
C PHE B 191 13.53 18.72 2.35
N THR B 192 13.50 20.04 2.10
CA THR B 192 12.61 20.97 2.78
C THR B 192 11.65 21.60 1.78
N TRP B 193 10.36 21.56 2.09
CA TRP B 193 9.35 22.25 1.31
C TRP B 193 9.33 23.75 1.64
N SER B 194 9.04 24.56 0.64
CA SER B 194 8.83 25.99 0.84
C SER B 194 7.97 26.51 -0.31
N GLN B 195 7.57 27.76 -0.21
CA GLN B 195 6.85 28.40 -1.30
C GLN B 195 7.51 29.74 -1.63
N PRO B 196 7.81 29.99 -2.90
CA PRO B 196 8.37 31.29 -3.26
C PRO B 196 7.27 32.35 -3.32
N ILE B 197 7.64 33.56 -2.94
CA ILE B 197 6.76 34.72 -3.16
C ILE B 197 6.97 35.18 -4.60
N THR B 198 5.95 35.00 -5.44
CA THR B 198 6.07 35.34 -6.85
C THR B 198 5.50 36.73 -7.13
N THR B 199 5.91 37.26 -8.27
CA THR B 199 5.30 38.46 -8.85
C THR B 199 4.70 38.10 -10.20
N GLY B 200 3.94 39.04 -10.75
CA GLY B 200 3.21 38.77 -11.98
C GLY B 200 1.95 37.98 -11.69
N LYS B 201 1.17 37.76 -12.73
CA LYS B 201 -0.12 37.08 -12.62
C LYS B 201 0.07 35.60 -12.89
N ALA B 202 -0.19 34.76 -11.88
CA ALA B 202 -0.05 33.33 -12.05
C ALA B 202 -1.12 32.84 -13.02
N PRO B 203 -0.85 31.75 -13.76
CA PRO B 203 -1.93 31.12 -14.51
C PRO B 203 -3.04 30.74 -13.55
N SER B 204 -4.25 30.56 -14.09
CA SER B 204 -5.36 30.11 -13.28
C SER B 204 -5.04 28.75 -12.68
N PRO B 205 -5.69 28.38 -11.59
CA PRO B 205 -5.63 26.97 -11.14
C PRO B 205 -5.91 26.03 -12.31
N ARG B 206 -5.23 24.88 -12.32
CA ARG B 206 -5.44 23.94 -13.42
C ARG B 206 -4.87 22.59 -13.03
N ALA B 207 -5.32 21.56 -13.76
CA ALA B 207 -4.75 20.23 -13.68
C ALA B 207 -4.65 19.67 -15.08
N ALA B 208 -3.80 18.66 -15.23
CA ALA B 208 -3.58 18.00 -16.52
C ALA B 208 -2.96 18.94 -17.54
N HIS B 209 -2.34 20.01 -17.06
CA HIS B 209 -1.44 20.85 -17.85
C HIS B 209 -0.12 20.12 -18.08
N ALA B 210 0.77 20.72 -18.85
CA ALA B 210 2.09 20.16 -19.08
C ALA B 210 3.14 21.22 -18.79
N CYS B 211 4.21 20.81 -18.11
CA CYS B 211 5.31 21.69 -17.76
C CYS B 211 6.59 21.29 -18.49
N ALA B 212 7.40 22.29 -18.85
CA ALA B 212 8.69 22.00 -19.45
C ALA B 212 9.66 23.10 -19.05
N THR B 213 10.91 22.73 -18.79
CA THR B 213 11.92 23.66 -18.30
C THR B 213 12.98 23.86 -19.39
N VAL B 214 13.30 25.13 -19.69
CA VAL B 214 14.48 25.46 -20.49
C VAL B 214 15.25 26.56 -19.78
N GLY B 215 16.50 26.28 -19.44
CA GLY B 215 17.28 27.23 -18.65
C GLY B 215 16.60 27.49 -17.32
N ASN B 216 16.37 28.78 -17.03
CA ASN B 216 15.69 29.23 -15.85
C ASN B 216 14.22 29.61 -16.12
N ARG B 217 13.63 29.07 -17.18
CA ARG B 217 12.24 29.36 -17.50
C ARG B 217 11.43 28.09 -17.37
N GLY B 218 10.42 28.12 -16.51
CA GLY B 218 9.53 27.00 -16.37
C GLY B 218 8.25 27.24 -17.16
N PHE B 219 8.13 26.63 -18.33
CA PHE B 219 6.95 26.81 -19.17
C PHE B 219 5.80 25.93 -18.71
N VAL B 220 4.58 26.43 -18.90
CA VAL B 220 3.39 25.61 -18.67
C VAL B 220 2.37 25.96 -19.76
N PHE B 221 1.78 24.93 -20.34
CA PHE B 221 0.82 25.09 -21.43
C PHE B 221 -0.46 24.33 -21.09
N GLY B 222 -1.59 24.98 -21.31
CA GLY B 222 -2.86 24.25 -21.34
C GLY B 222 -3.31 23.78 -19.98
N GLY B 223 -4.14 22.74 -20.00
CA GLY B 223 -4.69 22.14 -18.81
C GLY B 223 -6.19 22.38 -18.69
N ARG B 224 -6.79 21.73 -17.69
CA ARG B 224 -8.23 21.86 -17.45
C ARG B 224 -8.46 22.82 -16.30
N TYR B 225 -9.44 23.72 -16.47
CA TYR B 225 -9.90 24.56 -15.38
C TYR B 225 -11.38 24.87 -15.61
N ARG B 226 -12.22 24.58 -14.62
CA ARG B 226 -13.67 24.82 -14.71
C ARG B 226 -14.17 24.07 -15.94
N ASP B 227 -14.85 24.72 -16.89
CA ASP B 227 -15.42 24.04 -18.03
C ASP B 227 -14.59 24.19 -19.30
N ALA B 228 -13.28 24.43 -19.17
CA ALA B 228 -12.43 24.65 -20.34
C ALA B 228 -11.16 23.82 -20.24
N ARG B 229 -10.70 23.34 -21.39
CA ARG B 229 -9.34 22.87 -21.56
C ARG B 229 -8.62 23.91 -22.39
N MET B 230 -7.54 24.46 -21.85
CA MET B 230 -7.09 25.79 -22.24
C MET B 230 -5.94 25.75 -23.24
N ASN B 231 -5.70 26.90 -23.87
CA ASN B 231 -4.65 27.04 -24.88
C ASN B 231 -3.60 28.08 -24.49
N ASP B 232 -3.54 28.49 -23.22
CA ASP B 232 -2.62 29.54 -22.84
C ASP B 232 -1.22 29.02 -22.48
N LEU B 233 -0.25 29.92 -22.59
CA LEU B 233 1.15 29.57 -22.36
C LEU B 233 1.79 30.60 -21.45
N HIS B 234 2.45 30.14 -20.40
CA HIS B 234 3.11 31.01 -19.44
C HIS B 234 4.48 30.44 -19.14
N TYR B 235 5.33 31.24 -18.48
CA TYR B 235 6.50 30.66 -17.85
C TYR B 235 6.77 31.39 -16.55
N LEU B 236 7.29 30.64 -15.60
CA LEU B 236 7.75 31.19 -14.35
C LEU B 236 9.27 31.29 -14.43
N ASN B 237 9.78 32.51 -14.24
CA ASN B 237 11.22 32.69 -14.16
C ASN B 237 11.72 32.11 -12.85
N LEU B 238 12.56 31.09 -12.94
CA LEU B 238 12.92 30.32 -11.76
C LEU B 238 14.05 30.96 -10.96
N ASP B 239 14.58 32.10 -11.41
CA ASP B 239 15.50 32.92 -10.62
C ASP B 239 14.77 34.03 -9.88
N THR B 240 13.91 34.78 -10.59
CA THR B 240 13.24 35.94 -10.02
C THR B 240 11.84 35.63 -9.51
N TRP B 241 11.29 34.45 -9.82
CA TRP B 241 9.93 34.08 -9.44
C TRP B 241 8.89 35.04 -10.01
N GLU B 242 9.15 35.49 -11.23
CA GLU B 242 8.23 36.37 -11.97
C GLU B 242 7.47 35.56 -13.02
N TRP B 243 6.14 35.60 -12.95
CA TRP B 243 5.29 34.99 -13.97
C TRP B 243 5.20 35.89 -15.20
N ASN B 244 5.19 35.27 -16.38
CA ASN B 244 5.00 35.97 -17.66
C ASN B 244 4.01 35.16 -18.50
N GLU B 245 3.05 35.84 -19.12
CA GLU B 245 2.21 35.17 -20.11
C GLU B 245 2.76 35.42 -21.50
N LEU B 246 2.81 34.37 -22.30
CA LEU B 246 3.33 34.46 -23.65
C LEU B 246 2.16 34.49 -24.61
N ILE B 247 2.15 35.46 -25.53
CA ILE B 247 1.07 35.54 -26.49
C ILE B 247 1.67 35.37 -27.89
N PRO B 248 1.84 34.14 -28.37
CA PRO B 248 2.37 33.95 -29.72
C PRO B 248 1.48 34.63 -30.75
N GLN B 249 2.11 35.16 -31.80
CA GLN B 249 1.36 35.72 -32.90
C GLN B 249 1.03 34.62 -33.90
N GLY B 250 -0.08 34.79 -34.59
CA GLY B 250 -0.49 33.80 -35.57
C GLY B 250 -1.27 32.65 -34.96
N ILE B 251 -1.21 31.50 -35.64
CA ILE B 251 -2.02 30.34 -35.32
C ILE B 251 -1.42 29.66 -34.08
N CYS B 252 -2.30 29.27 -33.16
CA CYS B 252 -1.90 28.55 -31.95
C CYS B 252 -2.61 27.20 -31.90
N PRO B 253 -2.04 26.23 -31.18
CA PRO B 253 -2.71 24.93 -31.04
C PRO B 253 -4.01 25.05 -30.28
N VAL B 254 -4.94 24.14 -30.58
CA VAL B 254 -6.22 24.15 -29.90
C VAL B 254 -6.01 23.81 -28.42
N GLY B 255 -6.85 24.41 -27.58
CA GLY B 255 -6.70 24.21 -26.15
C GLY B 255 -6.92 22.75 -25.80
N ARG B 256 -6.25 22.32 -24.71
CA ARG B 256 -6.22 20.91 -24.39
C ARG B 256 -5.73 20.66 -22.95
N SER B 257 -6.04 19.46 -22.45
CA SER B 257 -5.38 18.84 -21.30
C SER B 257 -4.88 17.46 -21.71
N TRP B 258 -4.12 16.85 -20.82
CA TRP B 258 -3.61 15.49 -20.96
C TRP B 258 -2.65 15.34 -22.14
N HIS B 259 -2.07 16.45 -22.57
CA HIS B 259 -1.03 16.51 -23.60
C HIS B 259 0.35 16.40 -22.98
N SER B 260 1.36 16.23 -23.84
CA SER B 260 2.75 16.26 -23.37
C SER B 260 3.44 17.48 -23.95
N LEU B 261 4.38 18.04 -23.18
CA LEU B 261 5.17 19.20 -23.58
C LEU B 261 6.62 18.92 -23.19
N THR B 262 7.52 18.87 -24.19
CA THR B 262 8.86 18.32 -23.99
C THR B 262 9.92 19.27 -24.54
N PRO B 263 10.90 19.67 -23.74
CA PRO B 263 12.02 20.43 -24.32
C PRO B 263 12.85 19.54 -25.22
N VAL B 264 13.16 20.04 -26.41
CA VAL B 264 13.99 19.31 -27.37
C VAL B 264 15.25 20.04 -27.75
N SER B 265 15.43 21.26 -27.26
CA SER B 265 16.63 22.07 -27.50
C SER B 265 16.58 23.23 -26.53
N SER B 266 17.54 24.14 -26.66
CA SER B 266 17.54 25.37 -25.87
C SER B 266 16.57 26.39 -26.43
N ASP B 267 15.88 26.08 -27.54
CA ASP B 267 14.98 27.05 -28.15
C ASP B 267 13.66 26.43 -28.61
N HIS B 268 13.36 25.18 -28.27
CA HIS B 268 12.17 24.53 -28.83
C HIS B 268 11.48 23.63 -27.81
N LEU B 269 10.15 23.70 -27.78
CA LEU B 269 9.32 22.80 -27.00
C LEU B 269 8.50 21.95 -27.95
N PHE B 270 8.29 20.69 -27.60
CA PHE B 270 7.53 19.78 -28.46
C PHE B 270 6.22 19.39 -27.78
N LEU B 271 5.11 19.62 -28.47
CA LEU B 271 3.76 19.39 -27.97
C LEU B 271 3.11 18.25 -28.76
N PHE B 272 2.52 17.29 -28.06
CA PHE B 272 1.80 16.23 -28.76
C PHE B 272 0.55 15.80 -28.01
N GLY B 273 -0.55 15.61 -28.76
CA GLY B 273 -1.70 14.91 -28.23
C GLY B 273 -2.56 15.71 -27.28
N GLY B 274 -3.38 14.99 -26.55
CA GLY B 274 -4.25 15.62 -25.60
C GLY B 274 -5.73 15.46 -25.93
N PHE B 275 -6.53 16.34 -25.33
CA PHE B 275 -7.97 16.19 -25.22
C PHE B 275 -8.57 17.59 -25.16
N THR B 276 -9.51 17.88 -26.06
CA THR B 276 -10.04 19.24 -26.16
C THR B 276 -11.20 19.46 -25.19
N THR B 277 -11.61 20.72 -25.06
CA THR B 277 -12.84 21.08 -24.34
C THR B 277 -14.03 20.25 -24.83
N ASP B 278 -14.12 20.00 -26.14
CA ASP B 278 -15.19 19.23 -26.74
C ASP B 278 -14.89 17.73 -26.79
N LYS B 279 -13.96 17.26 -25.95
CA LYS B 279 -13.72 15.83 -25.77
C LYS B 279 -13.19 15.16 -27.04
N GLN B 280 -12.35 15.88 -27.77
CA GLN B 280 -11.72 15.33 -28.96
C GLN B 280 -10.32 14.84 -28.62
N PRO B 281 -10.02 13.55 -28.78
CA PRO B 281 -8.62 13.10 -28.69
C PRO B 281 -7.81 13.67 -29.85
N LEU B 282 -6.58 14.09 -29.56
CA LEU B 282 -5.74 14.79 -30.52
C LEU B 282 -4.54 13.95 -30.92
N SER B 283 -4.16 14.03 -32.20
CA SER B 283 -2.90 13.51 -32.69
C SER B 283 -2.02 14.58 -33.32
N ASP B 284 -2.32 15.86 -33.13
CA ASP B 284 -1.48 16.90 -33.70
C ASP B 284 -0.25 17.08 -32.83
N ALA B 285 0.83 17.52 -33.47
CA ALA B 285 2.07 17.83 -32.78
C ALA B 285 2.56 19.18 -33.27
N TRP B 286 3.18 19.94 -32.36
CA TRP B 286 3.70 21.26 -32.68
C TRP B 286 5.05 21.44 -32.01
N THR B 287 5.84 22.35 -32.55
CA THR B 287 6.99 22.88 -31.84
C THR B 287 6.72 24.34 -31.49
N TYR B 288 7.07 24.74 -30.27
CA TYR B 288 7.06 26.15 -29.91
C TYR B 288 8.50 26.63 -29.96
N CYS B 289 8.74 27.61 -30.81
CA CYS B 289 10.05 28.24 -30.95
C CYS B 289 10.11 29.40 -29.96
N ILE B 290 10.97 29.26 -28.95
CA ILE B 290 11.00 30.22 -27.85
C ILE B 290 11.49 31.58 -28.34
N SER B 291 12.55 31.60 -29.15
CA SER B 291 13.13 32.90 -29.53
C SER B 291 12.21 33.68 -30.44
N LYS B 292 11.45 32.99 -31.30
CA LYS B 292 10.51 33.67 -32.18
C LYS B 292 9.11 33.80 -31.59
N ASN B 293 8.84 33.14 -30.46
CA ASN B 293 7.50 33.17 -29.85
C ASN B 293 6.44 32.76 -30.87
N GLU B 294 6.63 31.57 -31.45
CA GLU B 294 5.79 31.16 -32.56
C GLU B 294 5.60 29.64 -32.53
N TRP B 295 4.38 29.20 -32.83
CA TRP B 295 4.08 27.79 -32.95
C TRP B 295 4.22 27.34 -34.41
N ILE B 296 4.75 26.14 -34.61
CA ILE B 296 4.88 25.56 -35.95
C ILE B 296 4.35 24.14 -35.88
N GLN B 297 3.33 23.84 -36.68
CA GLN B 297 2.79 22.48 -36.65
C GLN B 297 3.82 21.51 -37.20
N PHE B 298 3.87 20.33 -36.59
CA PHE B 298 4.88 19.31 -36.86
C PHE B 298 4.21 18.15 -37.60
N ASN B 299 4.70 17.85 -38.81
CA ASN B 299 4.17 16.74 -39.59
C ASN B 299 4.83 15.43 -39.16
N HIS B 300 4.02 14.41 -38.91
CA HIS B 300 4.50 13.14 -38.39
C HIS B 300 3.62 12.02 -38.94
N PRO B 301 4.08 10.79 -38.89
CA PRO B 301 3.30 9.68 -39.44
C PRO B 301 2.31 9.03 -38.47
N TYR B 302 1.98 9.68 -37.35
CA TYR B 302 1.08 9.08 -36.36
C TYR B 302 -0.26 9.80 -36.29
N THR B 303 -0.76 10.28 -37.45
CA THR B 303 -2.00 11.06 -37.45
C THR B 303 -3.21 10.22 -37.02
N GLU B 304 -3.15 8.91 -37.22
CA GLU B 304 -4.25 8.05 -36.81
C GLU B 304 -4.05 7.45 -35.42
N LYS B 305 -3.15 8.02 -34.61
CA LYS B 305 -2.87 7.54 -33.26
C LYS B 305 -2.92 8.69 -32.26
N PRO B 306 -4.10 9.25 -32.04
CA PRO B 306 -4.24 10.23 -30.95
C PRO B 306 -3.93 9.57 -29.61
N ARG B 307 -3.38 10.38 -28.70
CA ARG B 307 -3.05 9.91 -27.36
C ARG B 307 -3.38 10.97 -26.33
N LEU B 308 -3.93 10.54 -25.21
CA LEU B 308 -4.12 11.41 -24.04
C LEU B 308 -3.72 10.67 -22.78
N TRP B 309 -3.05 11.39 -21.88
CA TRP B 309 -2.49 10.87 -20.62
C TRP B 309 -1.34 9.90 -20.89
N HIS B 310 -0.71 10.05 -22.04
CA HIS B 310 0.55 9.41 -22.39
C HIS B 310 1.68 10.14 -21.68
N THR B 311 2.90 9.62 -21.83
CA THR B 311 4.11 10.34 -21.44
C THR B 311 4.99 10.57 -22.66
N ALA B 312 5.89 11.54 -22.54
CA ALA B 312 6.86 11.85 -23.57
C ALA B 312 8.20 12.17 -22.93
N CYS B 313 9.27 11.60 -23.48
CA CYS B 313 10.63 11.86 -23.03
C CYS B 313 11.54 12.07 -24.22
N ALA B 314 12.40 13.08 -24.11
CA ALA B 314 13.37 13.37 -25.16
C ALA B 314 14.58 12.47 -25.01
N SER B 315 15.15 12.06 -26.14
CA SER B 315 16.39 11.31 -26.13
C SER B 315 17.55 12.23 -26.48
N ASP B 316 18.75 11.74 -26.22
CA ASP B 316 19.96 12.45 -26.61
C ASP B 316 20.26 12.31 -28.09
N GLU B 317 19.39 11.61 -28.83
CA GLU B 317 19.57 11.36 -30.26
C GLU B 317 18.52 12.09 -31.10
N GLY B 318 18.03 13.23 -30.61
CA GLY B 318 17.07 14.03 -31.37
C GLY B 318 15.73 13.38 -31.59
N GLU B 319 15.21 12.66 -30.59
CA GLU B 319 13.90 12.03 -30.69
C GLU B 319 13.07 12.35 -29.45
N VAL B 320 11.76 12.28 -29.60
CA VAL B 320 10.82 12.31 -28.48
C VAL B 320 10.10 10.98 -28.46
N ILE B 321 10.15 10.30 -27.32
CA ILE B 321 9.60 8.96 -27.16
C ILE B 321 8.29 9.07 -26.39
N VAL B 322 7.18 8.77 -27.06
CA VAL B 322 5.85 8.77 -26.43
C VAL B 322 5.47 7.34 -26.09
N PHE B 323 4.99 7.13 -24.85
CA PHE B 323 4.57 5.81 -24.42
C PHE B 323 3.20 5.89 -23.76
N GLY B 324 2.38 4.88 -24.02
CA GLY B 324 1.20 4.72 -23.22
C GLY B 324 0.13 5.73 -23.57
N GLY B 325 -0.78 5.91 -22.61
CA GLY B 325 -1.91 6.78 -22.83
C GLY B 325 -3.04 6.07 -23.57
N CYS B 326 -4.09 6.83 -23.82
CA CYS B 326 -5.35 6.30 -24.33
C CYS B 326 -5.68 6.95 -25.68
N ALA B 327 -6.21 6.15 -26.61
CA ALA B 327 -6.52 6.63 -27.95
C ALA B 327 -7.89 7.27 -28.07
N ASN B 328 -8.75 7.11 -27.06
CA ASN B 328 -10.07 7.71 -27.15
C ASN B 328 -10.44 8.39 -25.84
N ASN B 329 -11.71 8.74 -25.67
CA ASN B 329 -12.19 9.39 -24.46
C ASN B 329 -12.13 8.40 -23.31
N LEU B 330 -11.09 8.53 -22.49
CA LEU B 330 -10.93 7.61 -21.40
C LEU B 330 -11.92 7.85 -20.27
N LEU B 331 -12.69 8.95 -20.33
CA LEU B 331 -13.77 9.15 -19.37
C LEU B 331 -14.89 8.13 -19.54
N VAL B 332 -14.99 7.49 -20.71
CA VAL B 332 -15.93 6.37 -20.89
C VAL B 332 -15.13 5.11 -20.59
N HIS B 333 -15.09 4.74 -19.32
CA HIS B 333 -14.08 3.78 -18.86
C HIS B 333 -14.21 2.43 -19.57
N HIS B 334 -15.43 1.97 -19.79
CA HIS B 334 -15.62 0.63 -20.35
C HIS B 334 -15.31 0.57 -21.85
N ARG B 335 -15.10 1.71 -22.51
CA ARG B 335 -14.69 1.74 -23.91
C ARG B 335 -13.26 2.26 -24.10
N ALA B 336 -12.52 2.48 -23.02
CA ALA B 336 -11.25 3.18 -23.12
C ALA B 336 -10.19 2.30 -23.77
N ALA B 337 -9.48 2.87 -24.75
CA ALA B 337 -8.45 2.15 -25.51
C ALA B 337 -7.06 2.54 -25.02
N HIS B 338 -6.66 1.96 -23.89
CA HIS B 338 -5.32 2.21 -23.38
C HIS B 338 -4.27 1.50 -24.23
N SER B 339 -3.06 2.05 -24.25
CA SER B 339 -2.06 1.63 -25.21
C SER B 339 -0.75 1.33 -24.50
N ASN B 340 0.02 0.42 -25.11
CA ASN B 340 1.41 0.18 -24.70
C ASN B 340 2.39 0.53 -25.82
N GLU B 341 1.94 1.25 -26.84
CA GLU B 341 2.75 1.52 -28.02
C GLU B 341 3.80 2.60 -27.74
N ILE B 342 4.96 2.46 -28.37
CA ILE B 342 5.99 3.50 -28.41
C ILE B 342 5.85 4.27 -29.73
N LEU B 343 5.67 5.57 -29.63
CA LEU B 343 5.68 6.46 -30.79
C LEU B 343 6.96 7.30 -30.75
N ILE B 344 7.74 7.23 -31.82
CA ILE B 344 9.03 7.92 -31.88
C ILE B 344 8.93 9.08 -32.88
N PHE B 345 9.10 10.30 -32.38
CA PHE B 345 9.10 11.49 -33.20
C PHE B 345 10.55 11.94 -33.39
N SER B 346 10.89 12.32 -34.63
CA SER B 346 12.23 12.80 -34.97
C SER B 346 12.20 14.32 -34.96
N VAL B 347 12.68 14.91 -33.87
CA VAL B 347 12.66 16.34 -33.70
C VAL B 347 14.08 16.89 -33.59
N ASN C 7 -10.67 -14.59 -0.78
CA ASN C 7 -9.25 -14.90 -0.90
C ASN C 7 -8.59 -14.77 0.48
N ASN C 8 -9.14 -13.92 1.33
CA ASN C 8 -8.54 -13.71 2.64
C ASN C 8 -8.98 -14.73 3.67
N THR C 9 -10.03 -15.50 3.39
CA THR C 9 -10.56 -16.47 4.34
C THR C 9 -10.13 -17.91 4.07
N SER C 10 -9.36 -18.15 3.02
CA SER C 10 -9.01 -19.52 2.66
C SER C 10 -8.00 -20.12 3.63
N GLY C 11 -8.00 -21.45 3.72
CA GLY C 11 -7.02 -22.15 4.52
C GLY C 11 -7.34 -22.28 5.99
N SER C 12 -8.50 -21.80 6.42
CA SER C 12 -8.95 -21.91 7.79
C SER C 12 -10.07 -22.94 7.91
N ASN D 7 -12.63 7.58 -10.06
CA ASN D 7 -12.35 8.82 -9.35
C ASN D 7 -10.97 9.35 -9.73
N ASN D 8 -10.15 8.49 -10.36
CA ASN D 8 -8.80 8.91 -10.70
C ASN D 8 -8.74 9.84 -11.92
N THR D 9 -9.79 9.88 -12.72
CA THR D 9 -9.82 10.70 -13.94
C THR D 9 -10.41 12.09 -13.74
N SER D 10 -11.00 12.38 -12.58
CA SER D 10 -11.68 13.65 -12.39
C SER D 10 -10.69 14.82 -12.39
N GLY D 11 -11.18 15.98 -12.83
CA GLY D 11 -10.38 17.20 -12.80
C GLY D 11 -9.55 17.48 -14.03
N SER D 12 -9.62 16.62 -15.04
CA SER D 12 -8.88 16.82 -16.27
C SER D 12 -9.80 17.16 -17.41
#